data_7N2R
#
_entry.id   7N2R
#
_cell.length_a   54.680
_cell.length_b   94.423
_cell.length_c   178.522
_cell.angle_alpha   90.000
_cell.angle_beta   90.000
_cell.angle_gamma   90.000
#
_symmetry.space_group_name_H-M   'P 21 21 21'
#
loop_
_entity.id
_entity.type
_entity.pdbx_description
1 polymer 'AS4.3 T cell receptor alpha chain'
2 polymer 'AS4.3 T cell receptor beta chain'
3 polymer 'Human leukocyte antigen (HLA) B27'
4 polymer Beta-2-microglobulin
5 polymer 'Pre-MRNA Processing Factor 3'
6 non-polymer 2-acetamido-2-deoxy-beta-D-glucopyranose
7 non-polymer 'ASPARTIC ACID'
8 non-polymer 'SULFATE ION'
9 non-polymer 1,2-ETHANEDIOL
10 water water
#
loop_
_entity_poly.entity_id
_entity_poly.type
_entity_poly.pdbx_seq_one_letter_code
_entity_poly.pdbx_strand_id
1 'polypeptide(L)'
;KQEVTQIPAALSVPEGENLVLNCSFTDSAIYNLQWFRQDPGKGLTSLLLIQSSQREQTSGRLNASLDKSSGRSTLYIAAS
QPGDSATYLCAVSNFNKFYFGSGTKLNVKPNIQNPDPAVYQLRDSKSSDKSVCLFTDFDSQTNVSQSKDSDVYITDKCVL
DMRSMDFKSNSAVAWSNKSDFACANAFNNSIIPEDTFFPSPESS
;
D
2 'polypeptide(L)'
;GVTQTPKHLITATGQRVTLRCSPRSGDLSVYWYQQSLDQGLQFLIQYYNGEERAKGNILERFSAQQFPDLHSELNLSSLE
LGDSALYFCASSVATYSTDTQYFGPGTRLTVLEDLKNVFPPEVAVFEPSEAEISHTQKATLVCLATGFYPDHVELSWWVN
GKEVHSGVCTDPQPLKEQPALNDSRYCLSSRLRVSATFWQNPRNHFRCQVQFYGLSENDEWTQDRAKPVTQIVSAEAWGR
AD
;
F
3 'polypeptide(L)'
;GSHSMRYFHTSVSRPGRGEPRFITVGYVDDTLFVRFDSDAASPREEPRAPWIEQEGPEYWDRETQISKAKAQTDREDLRT
LLRYYNQSEAGSHTLQNMYGCDVGPDGRLLRGYHQDAYDGKDYIALNEDLSSWTAADTAAQITQRKWEAARVAEQLRAYL
EGECVEWLRRYLENGKETLQRADPPKTHVTHHPISDHEATLRCWALGFYPAEITLTWQRDGEDQTQDTELVETRPAGDRT
FQKWAAVVVPSGEEQRYTCHVQHEGLPKPLTLRWEPSS
;
A
4 'polypeptide(L)'
;MIQRTPKIQVYSRHPAENGKSNFLNCYVSGFHPSDIEVDLLKNGERIEKVEHSDLSFSKDWSFYLLYYTEFTPTEKDEYA
CRVNHVTLSQPKIVKWDRDM
;
B
5 'polypeptide(L)' TRLALIAPK C
#
loop_
_chem_comp.id
_chem_comp.type
_chem_comp.name
_chem_comp.formula
EDO non-polymer 1,2-ETHANEDIOL 'C2 H6 O2'
NAG D-saccharide, beta linking 2-acetamido-2-deoxy-beta-D-glucopyranose 'C8 H15 N O6'
SO4 non-polymer 'SULFATE ION' 'O4 S -2'
#
# COMPACT_ATOMS: atom_id res chain seq x y z
N LYS A 1 -5.86 15.68 1.02
CA LYS A 1 -6.63 15.64 2.25
C LYS A 1 -5.93 14.81 3.32
N GLN A 2 -5.17 13.80 2.87
CA GLN A 2 -4.44 12.96 3.81
C GLN A 2 -3.37 13.78 4.52
N GLU A 3 -3.37 13.71 5.84
CA GLU A 3 -2.38 14.38 6.67
C GLU A 3 -1.92 13.35 7.70
N VAL A 4 -0.66 12.94 7.60
CA VAL A 4 -0.08 11.96 8.51
C VAL A 4 0.81 12.71 9.50
N THR A 5 0.51 12.57 10.79
CA THR A 5 1.27 13.22 11.84
C THR A 5 1.81 12.18 12.81
N GLN A 6 3.01 12.42 13.32
CA GLN A 6 3.65 11.51 14.25
C GLN A 6 4.05 12.22 15.53
N ILE A 7 3.97 11.47 16.63
CA ILE A 7 4.39 11.94 17.95
C ILE A 7 5.09 10.80 18.67
N PRO A 8 6.21 11.06 19.36
CA PRO A 8 6.85 12.38 19.43
C PRO A 8 7.80 12.58 18.24
N ALA A 9 8.33 13.79 18.07
CA ALA A 9 9.24 14.04 16.97
C ALA A 9 10.63 13.47 17.25
N ALA A 10 10.97 13.29 18.53
CA ALA A 10 12.26 12.76 18.93
C ALA A 10 12.07 11.97 20.22
N LEU A 11 13.00 11.05 20.46
CA LEU A 11 12.92 10.20 21.65
C LEU A 11 14.32 9.73 21.99
N SER A 12 14.75 10.00 23.21
CA SER A 12 16.07 9.62 23.73
C SER A 12 15.84 8.84 25.01
N VAL A 13 16.15 7.54 24.98
CA VAL A 13 15.75 6.64 26.06
C VAL A 13 16.92 5.74 26.43
N PRO A 14 16.91 5.20 27.66
CA PRO A 14 17.91 4.19 28.02
C PRO A 14 17.60 2.86 27.34
N GLU A 15 18.65 2.11 27.03
CA GLU A 15 18.45 0.82 26.40
C GLU A 15 17.65 -0.10 27.31
N GLY A 16 16.86 -0.97 26.68
CA GLY A 16 15.98 -1.87 27.40
C GLY A 16 14.57 -1.37 27.60
N GLU A 17 14.28 -0.11 27.25
CA GLU A 17 13.00 0.50 27.55
C GLU A 17 11.97 0.20 26.45
N ASN A 18 10.73 -0.10 26.87
CA ASN A 18 9.64 -0.28 25.92
C ASN A 18 9.18 1.07 25.39
N LEU A 19 9.11 1.20 24.06
CA LEU A 19 8.84 2.47 23.42
C LEU A 19 7.48 2.46 22.72
N VAL A 20 6.84 3.61 22.73
CA VAL A 20 5.53 3.81 22.13
C VAL A 20 5.65 4.96 21.13
N LEU A 21 5.59 4.64 19.84
CA LEU A 21 5.64 5.64 18.77
C LEU A 21 4.27 5.71 18.13
N ASN A 22 3.71 6.91 18.06
CA ASN A 22 2.34 7.09 17.61
C ASN A 22 2.29 7.73 16.23
N CYS A 23 1.28 7.34 15.47
CA CYS A 23 1.03 7.79 14.11
C CYS A 23 -0.47 8.04 13.97
N SER A 24 -0.82 9.12 13.27
N SER A 24 -0.82 9.12 13.28
CA SER A 24 -2.21 9.46 13.05
CA SER A 24 -2.21 9.47 13.04
C SER A 24 -2.38 9.92 11.60
C SER A 24 -2.37 9.89 11.59
N PHE A 25 -3.56 9.64 11.04
CA PHE A 25 -3.87 9.99 9.67
C PHE A 25 -5.34 10.37 9.58
N THR A 26 -5.66 11.18 8.58
CA THR A 26 -6.98 11.79 8.48
C THR A 26 -7.92 11.10 7.51
N ASP A 27 -7.40 10.41 6.49
CA ASP A 27 -8.23 9.67 5.54
C ASP A 27 -8.09 8.17 5.81
N SER A 28 -9.20 7.54 6.13
CA SER A 28 -9.24 6.13 6.51
C SER A 28 -9.31 5.17 5.33
N ALA A 29 -9.37 5.67 4.09
CA ALA A 29 -9.50 4.79 2.92
C ALA A 29 -8.11 4.41 2.40
N ILE A 30 -7.39 3.67 3.23
CA ILE A 30 -6.01 3.30 2.93
C ILE A 30 -5.94 1.86 2.43
N TYR A 31 -4.89 1.56 1.67
CA TYR A 31 -4.57 0.20 1.24
C TYR A 31 -3.71 -0.54 2.24
N ASN A 32 -2.80 0.16 2.92
CA ASN A 32 -1.96 -0.44 3.95
C ASN A 32 -1.35 0.69 4.76
N LEU A 33 -0.75 0.33 5.89
CA LEU A 33 0.07 1.25 6.66
C LEU A 33 1.40 0.58 6.96
N GLN A 34 2.48 1.32 6.78
CA GLN A 34 3.82 0.80 6.97
C GLN A 34 4.57 1.59 8.02
N TRP A 35 5.52 0.92 8.66
CA TRP A 35 6.50 1.55 9.54
C TRP A 35 7.89 1.30 8.93
N PHE A 36 8.61 2.38 8.65
CA PHE A 36 9.95 2.33 8.09
C PHE A 36 10.95 2.84 9.11
N ARG A 37 12.19 2.37 9.01
CA ARG A 37 13.30 2.98 9.72
C ARG A 37 14.28 3.55 8.70
N GLN A 38 14.73 4.78 8.94
CA GLN A 38 15.70 5.43 8.08
C GLN A 38 17.00 5.64 8.85
N ASP A 39 18.08 5.12 8.31
CA ASP A 39 19.46 5.33 8.70
C ASP A 39 20.12 6.29 7.72
N PRO A 40 21.01 7.16 8.21
CA PRO A 40 21.51 8.25 7.35
C PRO A 40 22.15 7.78 6.05
N GLY A 41 22.74 6.60 6.02
CA GLY A 41 23.40 6.14 4.81
C GLY A 41 22.60 5.18 3.96
N LYS A 42 21.86 4.27 4.61
CA LYS A 42 21.23 3.16 3.91
C LYS A 42 19.85 3.50 3.33
N GLY A 43 19.22 4.57 3.81
CA GLY A 43 17.89 4.92 3.34
C GLY A 43 16.78 4.30 4.16
N LEU A 44 15.62 4.08 3.54
CA LEU A 44 14.45 3.57 4.24
C LEU A 44 14.40 2.06 4.17
N THR A 45 13.96 1.44 5.27
CA THR A 45 13.77 0.00 5.33
C THR A 45 12.44 -0.28 6.00
N SER A 46 11.56 -0.99 5.30
CA SER A 46 10.27 -1.35 5.87
C SER A 46 10.45 -2.30 7.04
N LEU A 47 9.72 -2.04 8.12
CA LEU A 47 9.73 -2.89 9.31
C LEU A 47 8.47 -3.72 9.45
N LEU A 48 7.31 -3.10 9.31
CA LEU A 48 6.03 -3.77 9.43
C LEU A 48 5.09 -3.25 8.37
N LEU A 49 4.38 -4.16 7.69
CA LEU A 49 3.32 -3.79 6.77
C LEU A 49 2.02 -4.34 7.32
N ILE A 50 1.08 -3.44 7.60
CA ILE A 50 -0.24 -3.81 8.09
C ILE A 50 -1.21 -3.68 6.92
N GLN A 51 -1.84 -4.80 6.56
CA GLN A 51 -2.79 -4.77 5.46
C GLN A 51 -3.99 -3.88 5.80
N SER A 52 -4.76 -3.53 4.78
CA SER A 52 -5.87 -2.59 4.94
C SER A 52 -6.80 -3.04 6.06
N SER A 53 -7.20 -4.31 6.04
CA SER A 53 -8.19 -4.85 6.97
C SER A 53 -7.57 -5.41 8.25
N GLN A 54 -6.25 -5.41 8.36
CA GLN A 54 -5.60 -5.96 9.54
C GLN A 54 -5.64 -4.94 10.68
N ARG A 55 -5.58 -5.46 11.91
CA ARG A 55 -5.52 -4.62 13.09
C ARG A 55 -4.17 -4.62 13.79
N GLU A 56 -3.30 -5.59 13.49
CA GLU A 56 -1.99 -5.60 14.11
C GLU A 56 -1.03 -6.44 13.27
N GLN A 57 0.25 -6.24 13.52
CA GLN A 57 1.35 -6.98 12.93
C GLN A 57 2.44 -7.13 13.98
N THR A 58 3.37 -8.04 13.73
CA THR A 58 4.40 -8.34 14.71
C THR A 58 5.64 -8.89 14.02
N SER A 59 6.81 -8.52 14.54
CA SER A 59 8.08 -9.03 14.00
C SER A 59 9.12 -8.85 15.10
N GLY A 60 9.41 -9.93 15.83
CA GLY A 60 10.40 -9.86 16.89
C GLY A 60 9.94 -8.91 17.99
N ARG A 61 10.78 -7.93 18.30
CA ARG A 61 10.45 -6.97 19.35
C ARG A 61 9.52 -5.86 18.88
N LEU A 62 9.08 -5.90 17.62
CA LEU A 62 8.22 -4.87 17.06
C LEU A 62 6.78 -5.37 16.99
N ASN A 63 5.85 -4.51 17.37
CA ASN A 63 4.42 -4.81 17.34
C ASN A 63 3.69 -3.50 17.08
N ALA A 64 2.93 -3.45 15.98
CA ALA A 64 2.20 -2.26 15.58
C ALA A 64 0.71 -2.59 15.48
N SER A 65 -0.11 -1.59 15.80
CA SER A 65 -1.56 -1.70 15.73
C SER A 65 -2.09 -0.76 14.65
N LEU A 66 -3.33 -1.00 14.24
CA LEU A 66 -3.98 -0.20 13.22
C LEU A 66 -5.47 -0.07 13.54
N ASP A 67 -5.96 1.17 13.55
CA ASP A 67 -7.38 1.47 13.77
C ASP A 67 -7.78 2.48 12.71
N LYS A 68 -8.31 1.97 11.58
CA LYS A 68 -8.73 2.86 10.50
C LYS A 68 -9.88 3.76 10.93
N SER A 69 -10.79 3.25 11.77
CA SER A 69 -11.95 4.03 12.17
C SER A 69 -11.53 5.33 12.85
N SER A 70 -10.55 5.26 13.76
CA SER A 70 -10.06 6.46 14.44
C SER A 70 -8.86 7.09 13.75
N GLY A 71 -8.26 6.41 12.77
CA GLY A 71 -7.15 6.98 12.03
C GLY A 71 -5.88 7.05 12.85
N ARG A 72 -5.56 5.97 13.55
CA ARG A 72 -4.41 5.94 14.42
C ARG A 72 -3.62 4.66 14.20
N SER A 73 -2.31 4.75 14.36
CA SER A 73 -1.46 3.57 14.44
C SER A 73 -0.43 3.77 15.54
N THR A 74 -0.17 2.71 16.30
CA THR A 74 0.81 2.72 17.37
C THR A 74 1.82 1.62 17.11
N LEU A 75 3.10 1.99 17.06
CA LEU A 75 4.20 1.04 16.99
C LEU A 75 4.77 0.83 18.39
N TYR A 76 4.89 -0.42 18.80
CA TYR A 76 5.47 -0.78 20.09
C TYR A 76 6.84 -1.41 19.86
N ILE A 77 7.85 -0.89 20.55
CA ILE A 77 9.20 -1.43 20.48
C ILE A 77 9.56 -1.96 21.87
N ALA A 78 9.55 -3.28 22.03
CA ALA A 78 9.91 -3.89 23.30
C ALA A 78 11.43 -3.95 23.44
N ALA A 79 11.90 -3.71 24.67
CA ALA A 79 13.31 -3.77 25.05
C ALA A 79 14.20 -3.15 23.96
N SER A 80 14.18 -1.82 23.92
CA SER A 80 14.91 -1.13 22.86
C SER A 80 16.41 -1.41 22.98
N GLN A 81 17.06 -1.51 21.84
CA GLN A 81 18.48 -1.75 21.75
C GLN A 81 19.15 -0.58 21.05
N PRO A 82 20.45 -0.34 21.32
CA PRO A 82 21.13 0.75 20.63
C PRO A 82 21.10 0.62 19.12
N GLY A 83 21.02 -0.60 18.58
CA GLY A 83 20.87 -0.78 17.15
C GLY A 83 19.53 -0.36 16.59
N ASP A 84 18.58 -0.02 17.46
CA ASP A 84 17.30 0.49 17.01
C ASP A 84 17.32 2.00 16.77
N SER A 85 18.42 2.66 17.12
CA SER A 85 18.54 4.09 16.92
C SER A 85 18.44 4.41 15.43
N ALA A 86 17.42 5.17 15.06
CA ALA A 86 17.13 5.54 13.67
C ALA A 86 15.95 6.51 13.69
N THR A 87 15.44 6.83 12.51
CA THR A 87 14.21 7.61 12.38
C THR A 87 13.10 6.67 11.94
N TYR A 88 11.97 6.72 12.65
CA TYR A 88 10.85 5.82 12.39
C TYR A 88 9.72 6.61 11.75
N LEU A 89 9.36 6.24 10.52
CA LEU A 89 8.32 6.92 9.77
C LEU A 89 7.16 5.97 9.52
N CYS A 90 5.94 6.45 9.74
CA CYS A 90 4.78 5.70 9.28
C CYS A 90 4.36 6.20 7.91
N ALA A 91 3.98 5.26 7.05
CA ALA A 91 3.55 5.54 5.71
C ALA A 91 2.17 4.95 5.49
N VAL A 92 1.33 5.65 4.75
CA VAL A 92 0.04 5.12 4.34
C VAL A 92 -0.04 5.17 2.83
N SER A 93 -0.73 4.19 2.26
CA SER A 93 -1.01 4.13 0.84
C SER A 93 -2.49 4.41 0.63
N ASN A 94 -2.79 5.47 -0.10
CA ASN A 94 -4.16 5.85 -0.45
C ASN A 94 -4.38 5.57 -1.93
N PHE A 95 -5.55 5.98 -2.43
CA PHE A 95 -5.86 5.84 -3.85
C PHE A 95 -4.90 6.68 -4.68
N ASN A 96 -3.97 6.01 -5.38
CA ASN A 96 -2.98 6.63 -6.26
C ASN A 96 -2.11 7.68 -5.55
N LYS A 97 -1.99 7.61 -4.22
CA LYS A 97 -1.20 8.58 -3.47
C LYS A 97 -0.54 7.90 -2.27
N PHE A 98 0.75 8.15 -2.06
CA PHE A 98 1.47 7.67 -0.90
C PHE A 98 1.86 8.84 -0.01
N TYR A 99 1.67 8.69 1.30
CA TYR A 99 1.93 9.76 2.26
C TYR A 99 2.84 9.26 3.37
N PHE A 100 3.81 10.09 3.73
CA PHE A 100 4.70 9.82 4.85
C PHE A 100 4.49 10.84 5.94
N GLY A 101 4.75 10.43 7.18
CA GLY A 101 4.65 11.31 8.32
C GLY A 101 5.98 11.93 8.68
N SER A 102 5.92 12.91 9.58
CA SER A 102 7.11 13.68 9.96
C SER A 102 8.21 12.77 10.50
N GLY A 103 7.85 11.74 11.25
CA GLY A 103 8.85 10.80 11.73
C GLY A 103 9.26 11.06 13.17
N THR A 104 9.68 9.98 13.84
CA THR A 104 10.21 10.02 15.20
C THR A 104 11.68 9.62 15.15
N LYS A 105 12.56 10.53 15.57
CA LYS A 105 13.99 10.25 15.64
C LYS A 105 14.32 9.63 16.99
N LEU A 106 14.78 8.38 16.97
CA LEU A 106 14.96 7.57 18.16
C LEU A 106 16.45 7.35 18.42
N ASN A 107 16.87 7.64 19.64
CA ASN A 107 18.24 7.37 20.07
C ASN A 107 18.17 6.52 21.33
N VAL A 108 18.69 5.30 21.24
CA VAL A 108 18.70 4.37 22.35
C VAL A 108 20.09 4.41 22.98
N LYS A 109 20.19 5.05 24.13
CA LYS A 109 21.46 5.18 24.82
C LYS A 109 21.84 3.85 25.48
N PRO A 110 23.08 3.41 25.34
CA PRO A 110 23.52 2.19 26.04
C PRO A 110 23.69 2.44 27.53
N ASN A 111 23.87 1.33 28.26
CA ASN A 111 24.02 1.37 29.71
C ASN A 111 25.50 1.26 30.06
N ILE A 112 26.06 2.33 30.62
CA ILE A 112 27.46 2.35 31.04
C ILE A 112 27.47 1.97 32.52
N GLN A 113 27.68 0.69 32.80
CA GLN A 113 27.66 0.23 34.19
C GLN A 113 28.86 0.71 34.99
N ASN A 114 29.97 1.03 34.32
CA ASN A 114 31.20 1.47 34.98
C ASN A 114 31.58 2.86 34.47
N PRO A 115 30.85 3.90 34.89
CA PRO A 115 31.16 5.25 34.43
C PRO A 115 32.49 5.73 35.01
N ASP A 116 33.34 6.28 34.15
CA ASP A 116 34.64 6.81 34.55
C ASP A 116 34.85 8.14 33.83
N PRO A 117 34.07 9.16 34.18
CA PRO A 117 34.16 10.43 33.46
C PRO A 117 35.52 11.10 33.66
N ALA A 118 36.05 11.65 32.57
CA ALA A 118 37.33 12.31 32.60
C ALA A 118 37.47 13.20 31.36
N VAL A 119 38.31 14.22 31.48
CA VAL A 119 38.59 15.16 30.39
C VAL A 119 40.09 15.13 30.11
N TYR A 120 40.46 14.77 28.89
CA TYR A 120 41.84 14.71 28.46
C TYR A 120 42.08 15.69 27.32
N GLN A 121 43.34 16.07 27.15
CA GLN A 121 43.76 16.92 26.03
C GLN A 121 44.62 16.09 25.10
N LEU A 122 44.21 16.02 23.83
CA LEU A 122 44.93 15.26 22.83
C LEU A 122 46.02 16.12 22.20
N ARG A 123 47.10 15.46 21.76
CA ARG A 123 48.25 16.17 21.23
C ARG A 123 47.86 16.96 19.98
N ASP A 124 48.07 18.28 20.03
CA ASP A 124 47.73 19.14 18.91
C ASP A 124 48.61 18.82 17.71
N SER A 125 47.96 18.58 16.57
CA SER A 125 48.67 18.25 15.34
C SER A 125 49.55 19.41 14.87
N SER A 131 43.63 22.87 18.95
CA SER A 131 43.78 22.20 20.23
C SER A 131 42.51 21.47 20.63
N VAL A 132 42.61 20.15 20.82
CA VAL A 132 41.46 19.28 21.02
C VAL A 132 41.40 18.81 22.47
N CYS A 133 40.24 18.99 23.10
CA CYS A 133 39.92 18.42 24.39
C CYS A 133 38.88 17.32 24.22
N LEU A 134 38.94 16.31 25.09
CA LEU A 134 38.06 15.15 24.97
C LEU A 134 37.42 14.82 26.31
N PHE A 135 36.09 14.85 26.36
CA PHE A 135 35.32 14.39 27.50
C PHE A 135 34.72 13.03 27.14
N THR A 136 35.12 11.99 27.87
CA THR A 136 34.75 10.64 27.49
C THR A 136 34.44 9.80 28.72
N ASP A 137 33.90 8.61 28.46
CA ASP A 137 33.69 7.56 29.47
C ASP A 137 32.68 7.99 30.54
N PHE A 138 31.76 8.87 30.18
CA PHE A 138 30.72 9.31 31.10
C PHE A 138 29.43 8.53 30.86
N ASP A 139 28.54 8.60 31.85
CA ASP A 139 27.26 7.90 31.77
C ASP A 139 26.35 8.54 30.73
N SER A 140 25.34 7.77 30.32
CA SER A 140 24.40 8.25 29.31
C SER A 140 23.50 9.37 29.82
N GLN A 141 23.36 9.51 31.13
CA GLN A 141 22.58 10.62 31.68
C GLN A 141 23.30 11.95 31.53
N THR A 142 24.63 11.93 31.48
CA THR A 142 25.39 13.17 31.34
C THR A 142 25.08 13.81 30.00
N ASN A 143 24.52 15.02 30.05
CA ASN A 143 24.16 15.76 28.85
C ASN A 143 25.21 16.81 28.57
N VAL A 144 25.74 16.79 27.36
CA VAL A 144 26.82 17.70 26.96
C VAL A 144 26.17 18.97 26.42
N SER A 145 26.12 20.01 27.26
CA SER A 145 25.59 21.28 26.82
C SER A 145 26.56 21.94 25.83
N GLN A 146 26.03 22.86 25.02
CA GLN A 146 26.83 23.52 24.00
CA GLN A 146 26.81 23.54 24.00
C GLN A 146 27.72 24.58 24.65
N SER A 147 28.44 25.33 23.83
CA SER A 147 29.44 26.27 24.30
C SER A 147 28.80 27.57 24.77
N LYS A 148 29.56 28.30 25.59
CA LYS A 148 29.20 29.64 26.01
C LYS A 148 29.83 30.72 25.13
N ASP A 149 30.84 30.36 24.34
CA ASP A 149 31.50 31.28 23.42
C ASP A 149 31.45 30.70 22.02
N SER A 150 31.31 31.58 21.02
CA SER A 150 31.27 31.14 19.63
C SER A 150 32.62 30.69 19.11
N ASP A 151 33.68 30.79 19.92
CA ASP A 151 35.01 30.36 19.51
C ASP A 151 35.36 28.96 19.98
N VAL A 152 34.65 28.44 20.98
CA VAL A 152 34.80 27.06 21.42
C VAL A 152 33.71 26.22 20.79
N TYR A 153 34.09 25.08 20.20
CA TYR A 153 33.16 24.20 19.52
C TYR A 153 32.99 22.92 20.34
N ILE A 154 31.75 22.61 20.71
CA ILE A 154 31.43 21.43 21.50
C ILE A 154 30.50 20.55 20.67
N THR A 155 30.95 19.35 20.36
CA THR A 155 30.12 18.36 19.68
C THR A 155 29.33 17.56 20.71
N ASP A 156 28.14 17.12 20.31
CA ASP A 156 27.30 16.34 21.21
C ASP A 156 27.91 14.96 21.43
N LYS A 157 27.45 14.29 22.48
CA LYS A 157 27.97 12.97 22.81
C LYS A 157 27.68 11.99 21.67
N CYS A 158 28.50 10.95 21.60
CA CYS A 158 28.44 10.01 20.49
C CYS A 158 29.11 8.72 20.92
N VAL A 159 28.40 7.60 20.78
CA VAL A 159 28.83 6.32 21.33
C VAL A 159 29.69 5.59 20.30
N LEU A 160 30.85 5.11 20.73
CA LEU A 160 31.68 4.21 19.93
C LEU A 160 31.68 2.83 20.58
N ASP A 161 31.53 1.80 19.77
CA ASP A 161 31.42 0.42 20.24
C ASP A 161 32.68 -0.34 19.86
N MET A 162 33.42 -0.80 20.87
CA MET A 162 34.55 -1.70 20.67
C MET A 162 34.05 -3.13 20.93
N ARG A 163 33.40 -3.69 19.91
CA ARG A 163 32.79 -5.01 20.05
C ARG A 163 33.81 -6.11 20.27
N SER A 164 35.07 -5.88 19.89
CA SER A 164 36.11 -6.88 20.12
C SER A 164 36.36 -7.09 21.61
N MET A 165 36.09 -6.08 22.44
CA MET A 165 36.24 -6.20 23.88
C MET A 165 34.92 -6.02 24.63
N ASP A 166 33.80 -5.86 23.92
CA ASP A 166 32.48 -5.70 24.52
C ASP A 166 32.47 -4.53 25.51
N PHE A 167 32.69 -3.34 24.97
CA PHE A 167 32.77 -2.13 25.77
C PHE A 167 32.35 -0.93 24.93
N LYS A 168 31.51 -0.08 25.50
CA LYS A 168 31.08 1.15 24.87
C LYS A 168 31.47 2.34 25.74
N SER A 169 31.55 3.52 25.13
CA SER A 169 31.92 4.72 25.85
C SER A 169 31.47 5.94 25.05
N ASN A 170 30.74 6.84 25.71
CA ASN A 170 30.40 8.12 25.12
C ASN A 170 31.62 9.03 25.09
N SER A 171 31.56 10.05 24.23
CA SER A 171 32.64 11.03 24.15
C SER A 171 32.12 12.28 23.45
N ALA A 172 32.70 13.41 23.84
CA ALA A 172 32.43 14.71 23.23
C ALA A 172 33.76 15.42 23.03
N VAL A 173 33.93 16.02 21.84
CA VAL A 173 35.18 16.68 21.48
C VAL A 173 34.97 18.20 21.54
N ALA A 174 35.97 18.90 22.07
CA ALA A 174 35.98 20.35 22.12
C ALA A 174 37.28 20.87 21.54
N TRP A 175 37.20 21.91 20.72
CA TRP A 175 38.39 22.53 20.17
C TRP A 175 38.16 24.02 19.97
N SER A 176 39.25 24.78 20.00
CA SER A 176 39.19 26.23 19.82
C SER A 176 40.57 26.75 19.46
N ASN A 177 40.59 27.87 18.74
CA ASN A 177 41.83 28.55 18.37
C ASN A 177 42.27 29.58 19.41
N LYS A 178 41.50 29.75 20.48
CA LYS A 178 41.82 30.77 21.48
C LYS A 178 43.12 30.45 22.19
N SER A 179 43.88 31.50 22.51
CA SER A 179 45.09 31.33 23.31
C SER A 179 44.75 30.94 24.74
N ASP A 180 43.77 31.60 25.34
CA ASP A 180 43.35 31.31 26.71
C ASP A 180 42.24 30.26 26.68
N PHE A 181 42.62 29.07 26.25
CA PHE A 181 41.69 27.95 26.13
C PHE A 181 42.34 26.71 26.73
N ALA A 182 41.73 26.18 27.79
CA ALA A 182 42.20 24.97 28.45
C ALA A 182 41.04 24.01 28.64
N CYS A 183 41.37 22.72 28.77
CA CYS A 183 40.35 21.69 28.92
C CYS A 183 39.71 21.66 30.30
N ALA A 184 40.35 22.30 31.29
CA ALA A 184 39.75 22.34 32.63
C ALA A 184 38.46 23.13 32.64
N ASN A 185 38.31 24.07 31.71
CA ASN A 185 37.11 24.90 31.62
C ASN A 185 36.38 24.71 30.29
N ALA A 186 36.80 23.74 29.47
CA ALA A 186 36.21 23.57 28.14
C ALA A 186 34.75 23.13 28.23
N PHE A 187 34.43 22.23 29.15
CA PHE A 187 33.07 21.72 29.29
C PHE A 187 32.37 22.27 30.54
N ASN A 188 32.82 23.43 31.03
CA ASN A 188 32.27 23.97 32.27
C ASN A 188 30.89 24.59 32.09
N ASN A 189 30.47 24.83 30.84
CA ASN A 189 29.10 25.27 30.60
C ASN A 189 28.12 24.11 30.69
N SER A 190 28.61 22.87 30.63
CA SER A 190 27.79 21.68 30.75
C SER A 190 27.96 21.08 32.14
N ILE A 191 26.86 20.58 32.71
CA ILE A 191 26.92 19.99 34.04
C ILE A 191 27.73 18.70 33.95
N ILE A 192 28.78 18.61 34.76
CA ILE A 192 29.76 17.53 34.65
C ILE A 192 29.82 16.81 35.99
N PRO A 193 29.98 15.48 36.01
CA PRO A 193 30.10 14.77 37.29
C PRO A 193 31.25 15.31 38.13
N GLU A 194 31.03 15.36 39.45
CA GLU A 194 32.05 15.86 40.36
C GLU A 194 33.25 14.92 40.45
N ASP A 195 33.06 13.63 40.15
CA ASP A 195 34.13 12.66 40.16
C ASP A 195 34.86 12.58 38.81
N THR A 196 34.74 13.61 37.98
CA THR A 196 35.41 13.61 36.68
C THR A 196 36.91 13.81 36.87
N PHE A 197 37.70 12.88 36.34
CA PHE A 197 39.14 12.91 36.51
C PHE A 197 39.75 13.98 35.61
N PHE A 198 40.45 14.94 36.22
CA PHE A 198 41.14 16.01 35.50
C PHE A 198 42.65 15.85 35.69
N PRO A 199 43.34 15.18 34.77
CA PRO A 199 44.79 15.03 34.93
C PRO A 199 45.53 16.33 34.73
N SER A 200 46.77 16.36 35.22
CA SER A 200 47.62 17.54 35.10
C SER A 200 48.74 17.30 34.09
N GLY B 1 20.23 -4.62 -4.18
CA GLY B 1 18.92 -3.99 -4.29
C GLY B 1 18.90 -2.78 -5.18
N VAL B 2 18.23 -1.72 -4.73
CA VAL B 2 18.07 -0.51 -5.54
C VAL B 2 19.34 0.33 -5.43
N THR B 3 19.79 0.85 -6.56
CA THR B 3 20.97 1.70 -6.62
C THR B 3 20.63 3.01 -7.31
N GLN B 4 21.22 4.11 -6.82
CA GLN B 4 20.99 5.43 -7.38
C GLN B 4 22.31 6.09 -7.72
N THR B 5 22.22 7.06 -8.63
CA THR B 5 23.37 7.76 -9.14
C THR B 5 22.95 9.15 -9.57
N PRO B 6 23.71 10.20 -9.21
CA PRO B 6 24.91 10.12 -8.37
C PRO B 6 24.54 10.00 -6.90
N LYS B 7 25.52 9.69 -6.05
CA LYS B 7 25.25 9.70 -4.62
C LYS B 7 25.10 11.13 -4.11
N HIS B 8 26.05 11.99 -4.44
CA HIS B 8 26.01 13.40 -4.07
C HIS B 8 26.01 14.26 -5.32
N LEU B 9 25.56 15.50 -5.16
CA LEU B 9 25.45 16.41 -6.31
C LEU B 9 25.47 17.84 -5.80
N ILE B 10 26.48 18.60 -6.21
CA ILE B 10 26.57 20.04 -5.94
C ILE B 10 26.33 20.76 -7.26
N THR B 11 25.40 21.70 -7.27
CA THR B 11 25.08 22.41 -8.50
C THR B 11 24.72 23.87 -8.17
N ALA B 12 24.56 24.66 -9.23
CA ALA B 12 24.17 26.06 -9.13
C ALA B 12 22.72 26.23 -9.55
N THR B 13 22.16 27.39 -9.23
CA THR B 13 20.77 27.67 -9.56
C THR B 13 20.58 27.75 -11.07
N GLY B 14 19.37 27.45 -11.52
CA GLY B 14 19.04 27.45 -12.93
C GLY B 14 19.56 26.26 -13.71
N GLN B 15 20.41 25.42 -13.11
CA GLN B 15 20.97 24.29 -13.82
C GLN B 15 19.95 23.17 -13.96
N ARG B 16 20.35 22.10 -14.64
CA ARG B 16 19.53 20.91 -14.85
C ARG B 16 20.34 19.67 -14.48
N VAL B 17 19.72 18.76 -13.73
CA VAL B 17 20.39 17.54 -13.30
C VAL B 17 19.54 16.34 -13.69
N THR B 18 20.22 15.20 -13.86
CA THR B 18 19.56 13.92 -14.14
C THR B 18 19.91 12.95 -13.02
N LEU B 19 18.88 12.44 -12.35
CA LEU B 19 19.05 11.43 -11.33
C LEU B 19 18.67 10.07 -11.91
N ARG B 20 19.55 9.09 -11.76
CA ARG B 20 19.35 7.76 -12.32
C ARG B 20 19.06 6.76 -11.22
N CYS B 21 18.31 5.71 -11.58
CA CYS B 21 17.96 4.67 -10.63
C CYS B 21 17.83 3.33 -11.34
N SER B 22 18.47 2.31 -10.78
CA SER B 22 18.28 0.94 -11.26
C SER B 22 17.56 0.15 -10.18
N PRO B 23 16.28 -0.22 -10.40
CA PRO B 23 15.51 -0.92 -9.36
C PRO B 23 16.02 -2.33 -9.09
N ARG B 24 15.45 -2.99 -8.08
CA ARG B 24 15.80 -4.38 -7.83
C ARG B 24 15.50 -5.22 -9.07
N SER B 25 16.33 -6.23 -9.30
CA SER B 25 16.08 -7.14 -10.42
C SER B 25 14.69 -7.76 -10.29
N GLY B 26 13.94 -7.74 -11.38
CA GLY B 26 12.61 -8.30 -11.42
C GLY B 26 11.50 -7.36 -11.01
N ASP B 27 11.83 -6.28 -10.30
CA ASP B 27 10.85 -5.26 -9.93
C ASP B 27 10.40 -4.48 -11.16
N LEU B 28 9.08 -4.32 -11.30
CA LEU B 28 8.52 -3.60 -12.43
C LEU B 28 8.14 -2.15 -12.10
N SER B 29 8.03 -1.80 -10.83
CA SER B 29 7.55 -0.50 -10.40
C SER B 29 8.70 0.29 -9.77
N VAL B 30 8.83 1.56 -10.16
CA VAL B 30 9.81 2.45 -9.55
C VAL B 30 9.11 3.69 -9.05
N TYR B 31 9.66 4.26 -7.98
CA TYR B 31 9.07 5.40 -7.29
C TYR B 31 10.14 6.45 -7.02
N TRP B 32 9.75 7.71 -7.10
CA TRP B 32 10.65 8.81 -6.74
C TRP B 32 10.06 9.61 -5.59
N TYR B 33 10.92 9.96 -4.64
CA TYR B 33 10.53 10.72 -3.46
C TYR B 33 11.51 11.85 -3.21
N GLN B 34 10.99 12.97 -2.71
CA GLN B 34 11.79 14.11 -2.29
C GLN B 34 11.67 14.29 -0.79
N GLN B 35 12.78 14.15 -0.08
CA GLN B 35 12.82 14.39 1.36
C GLN B 35 13.49 15.74 1.62
N SER B 36 12.71 16.70 2.08
CA SER B 36 13.18 18.02 2.47
C SER B 36 12.86 18.26 3.94
N LEU B 37 13.51 19.27 4.52
CA LEU B 37 13.29 19.57 5.93
C LEU B 37 11.90 20.15 6.18
N ASP B 38 11.43 21.03 5.29
CA ASP B 38 10.15 21.70 5.54
C ASP B 38 8.95 20.86 5.13
N GLN B 39 9.14 19.80 4.34
CA GLN B 39 8.05 18.97 3.89
C GLN B 39 8.23 17.50 4.21
N GLY B 40 9.39 17.08 4.72
CA GLY B 40 9.60 15.66 4.92
C GLY B 40 9.64 14.90 3.60
N LEU B 41 9.27 13.62 3.69
CA LEU B 41 9.32 12.72 2.56
C LEU B 41 8.04 12.84 1.73
N GLN B 42 8.18 13.30 0.50
CA GLN B 42 7.05 13.64 -0.35
C GLN B 42 7.11 12.79 -1.61
N PHE B 43 5.97 12.22 -2.00
CA PHE B 43 5.93 11.30 -3.14
C PHE B 43 5.86 12.07 -4.45
N LEU B 44 6.81 11.82 -5.35
CA LEU B 44 6.87 12.56 -6.60
C LEU B 44 6.08 11.88 -7.73
N ILE B 45 6.49 10.67 -8.11
CA ILE B 45 5.90 9.99 -9.25
C ILE B 45 6.21 8.50 -9.14
N GLN B 46 5.35 7.68 -9.72
CA GLN B 46 5.52 6.22 -9.76
C GLN B 46 5.38 5.75 -11.18
N TYR B 47 6.32 4.90 -11.63
CA TYR B 47 6.22 4.26 -12.93
C TYR B 47 6.04 2.75 -12.75
N TYR B 48 5.29 2.14 -13.66
CA TYR B 48 4.96 0.71 -13.59
C TYR B 48 5.12 0.11 -14.98
N ASN B 49 6.22 -0.60 -15.19
CA ASN B 49 6.48 -1.30 -16.45
C ASN B 49 6.49 -0.32 -17.63
N GLY B 50 7.08 0.85 -17.41
CA GLY B 50 7.20 1.85 -18.44
C GLY B 50 6.09 2.87 -18.49
N GLU B 51 4.93 2.58 -17.91
CA GLU B 51 3.80 3.50 -17.91
C GLU B 51 3.73 4.26 -16.60
N GLU B 52 3.62 5.59 -16.69
CA GLU B 52 3.34 6.40 -15.52
C GLU B 52 2.02 5.98 -14.90
N ARG B 53 2.04 5.72 -13.60
CA ARG B 53 0.86 5.23 -12.90
C ARG B 53 0.29 6.23 -11.91
N ALA B 54 1.14 6.89 -11.12
CA ALA B 54 0.70 7.74 -10.04
C ALA B 54 1.66 8.91 -9.88
N LYS B 55 1.12 10.03 -9.39
CA LYS B 55 1.90 11.26 -9.21
C LYS B 55 1.46 11.96 -7.94
N GLY B 56 2.44 12.45 -7.17
CA GLY B 56 2.15 13.31 -6.04
C GLY B 56 2.05 14.75 -6.47
N ASN B 57 2.66 15.66 -5.70
CA ASN B 57 2.72 17.07 -6.08
C ASN B 57 4.08 17.36 -6.70
N ILE B 58 4.27 16.78 -7.89
CA ILE B 58 5.53 16.90 -8.62
C ILE B 58 5.51 18.18 -9.43
N LEU B 59 6.62 18.90 -9.42
CA LEU B 59 6.70 20.22 -10.02
C LEU B 59 6.61 20.14 -11.55
N GLU B 60 6.17 21.25 -12.14
CA GLU B 60 6.10 21.33 -13.60
C GLU B 60 7.49 21.20 -14.24
N ARG B 61 8.53 21.64 -13.53
CA ARG B 61 9.89 21.56 -14.06
C ARG B 61 10.60 20.26 -13.70
N PHE B 62 9.90 19.30 -13.07
CA PHE B 62 10.44 17.98 -12.81
C PHE B 62 9.92 17.02 -13.87
N SER B 63 10.83 16.20 -14.41
CA SER B 63 10.50 15.29 -15.49
C SER B 63 11.13 13.93 -15.20
N ALA B 64 10.38 12.86 -15.44
CA ALA B 64 10.83 11.52 -15.10
C ALA B 64 10.37 10.53 -16.16
N GLN B 65 10.98 9.34 -16.15
CA GLN B 65 10.68 8.32 -17.16
C GLN B 65 11.20 6.97 -16.70
N GLN B 66 10.48 5.92 -17.07
CA GLN B 66 10.97 4.55 -16.91
C GLN B 66 11.26 3.97 -18.27
N PHE B 67 12.41 3.33 -18.39
CA PHE B 67 12.94 2.81 -19.64
C PHE B 67 12.58 1.33 -19.81
N PRO B 68 12.64 0.82 -21.04
CA PRO B 68 12.31 -0.61 -21.24
C PRO B 68 13.14 -1.57 -20.39
N ASP B 69 14.37 -1.20 -20.04
CA ASP B 69 15.18 -2.03 -19.16
C ASP B 69 14.83 -1.85 -17.69
N LEU B 70 13.77 -1.10 -17.38
CA LEU B 70 13.17 -0.86 -16.07
C LEU B 70 13.93 0.16 -15.23
N HIS B 71 15.09 0.64 -15.67
CA HIS B 71 15.82 1.66 -14.92
C HIS B 71 15.21 3.03 -15.20
N SER B 72 15.23 3.89 -14.19
CA SER B 72 14.48 5.15 -14.24
C SER B 72 15.40 6.35 -14.17
N GLU B 73 14.94 7.46 -14.75
CA GLU B 73 15.66 8.71 -14.71
C GLU B 73 14.75 9.81 -14.18
N LEU B 74 15.32 10.71 -13.39
CA LEU B 74 14.63 11.89 -12.89
C LEU B 74 15.40 13.12 -13.31
N ASN B 75 14.78 13.98 -14.11
CA ASN B 75 15.38 15.24 -14.53
C ASN B 75 14.81 16.37 -13.69
N LEU B 76 15.69 17.12 -13.04
CA LEU B 76 15.33 18.32 -12.30
C LEU B 76 15.99 19.51 -13.01
N SER B 77 15.17 20.37 -13.62
CA SER B 77 15.65 21.48 -14.42
C SER B 77 15.22 22.80 -13.82
N SER B 78 15.90 23.86 -14.25
CA SER B 78 15.66 25.22 -13.74
C SER B 78 15.72 25.23 -12.21
N LEU B 79 16.84 24.69 -11.70
CA LEU B 79 16.95 24.40 -10.27
C LEU B 79 16.94 25.68 -9.43
N GLU B 80 16.45 25.52 -8.19
CA GLU B 80 16.38 26.58 -7.21
C GLU B 80 16.98 26.07 -5.90
N LEU B 81 17.23 27.00 -4.97
CA LEU B 81 17.78 26.59 -3.68
C LEU B 81 16.82 25.67 -2.93
N GLY B 82 15.51 25.88 -3.07
CA GLY B 82 14.53 25.02 -2.44
C GLY B 82 14.53 23.60 -2.95
N ASP B 83 15.13 23.34 -4.12
CA ASP B 83 15.24 21.98 -4.61
C ASP B 83 16.28 21.17 -3.85
N SER B 84 17.01 21.79 -2.93
CA SER B 84 17.98 21.07 -2.12
C SER B 84 17.25 20.07 -1.22
N ALA B 85 17.59 18.80 -1.35
CA ALA B 85 16.86 17.74 -0.67
C ALA B 85 17.55 16.41 -0.93
N LEU B 86 17.05 15.37 -0.28
CA LEU B 86 17.41 14.00 -0.60
C LEU B 86 16.36 13.42 -1.52
N TYR B 87 16.80 12.83 -2.62
CA TYR B 87 15.89 12.23 -3.59
C TYR B 87 16.06 10.72 -3.52
N PHE B 88 14.98 10.03 -3.17
CA PHE B 88 15.02 8.58 -3.02
C PHE B 88 14.33 7.90 -4.18
N CYS B 89 14.90 6.78 -4.60
CA CYS B 89 14.27 5.85 -5.50
C CYS B 89 13.81 4.63 -4.72
N ALA B 90 12.63 4.13 -5.03
CA ALA B 90 12.16 2.86 -4.50
C ALA B 90 11.67 1.99 -5.63
N SER B 91 11.60 0.69 -5.36
CA SER B 91 11.06 -0.26 -6.32
C SER B 91 10.23 -1.31 -5.59
N SER B 92 9.28 -1.88 -6.32
CA SER B 92 8.44 -2.95 -5.83
C SER B 92 8.23 -3.95 -6.95
N VAL B 93 7.83 -5.17 -6.59
CA VAL B 93 7.60 -6.22 -7.59
C VAL B 93 6.65 -5.72 -8.67
N ALA B 94 5.50 -5.20 -8.25
CA ALA B 94 4.51 -4.58 -9.13
C ALA B 94 3.70 -3.56 -8.35
N THR B 95 2.37 -3.65 -8.42
CA THR B 95 1.48 -2.67 -7.79
C THR B 95 0.69 -3.24 -6.63
N TYR B 96 1.15 -4.35 -6.04
CA TYR B 96 0.38 -5.00 -4.99
C TYR B 96 0.18 -4.07 -3.80
N SER B 97 -1.08 -3.85 -3.44
CA SER B 97 -1.40 -3.06 -2.26
C SER B 97 -1.03 -3.78 -0.97
N THR B 98 -0.67 -5.05 -1.05
CA THR B 98 -0.32 -5.92 0.07
C THR B 98 1.18 -6.10 0.22
N ASP B 99 1.98 -5.50 -0.65
CA ASP B 99 3.42 -5.68 -0.69
C ASP B 99 4.10 -4.34 -0.47
N THR B 100 5.38 -4.36 -0.13
CA THR B 100 6.08 -3.14 0.24
C THR B 100 7.01 -2.67 -0.88
N GLN B 101 7.58 -1.49 -0.68
CA GLN B 101 8.58 -0.93 -1.57
C GLN B 101 9.97 -1.07 -0.96
N TYR B 102 10.98 -0.96 -1.81
CA TYR B 102 12.36 -1.15 -1.40
C TYR B 102 13.17 0.07 -1.83
N PHE B 103 13.73 0.79 -0.86
CA PHE B 103 14.31 2.10 -1.13
C PHE B 103 15.80 1.99 -1.46
N GLY B 104 16.26 2.94 -2.27
CA GLY B 104 17.65 3.06 -2.61
C GLY B 104 18.40 3.93 -1.61
N PRO B 105 19.71 4.07 -1.80
CA PRO B 105 20.49 4.89 -0.87
C PRO B 105 20.11 6.36 -0.89
N GLY B 106 19.65 6.86 -2.02
CA GLY B 106 19.27 8.25 -2.11
C GLY B 106 20.34 9.10 -2.76
N THR B 107 19.91 10.17 -3.41
CA THR B 107 20.80 11.17 -4.00
C THR B 107 20.66 12.46 -3.21
N ARG B 108 21.78 13.05 -2.83
CA ARG B 108 21.79 14.30 -2.07
C ARG B 108 22.07 15.45 -3.02
N LEU B 109 21.12 16.37 -3.14
CA LEU B 109 21.23 17.53 -3.99
C LEU B 109 21.25 18.79 -3.13
N THR B 110 22.30 19.59 -3.26
CA THR B 110 22.30 20.95 -2.71
C THR B 110 22.49 21.91 -3.86
N VAL B 111 21.59 22.87 -3.98
CA VAL B 111 21.63 23.91 -5.00
C VAL B 111 22.05 25.21 -4.32
N LEU B 112 23.16 25.78 -4.77
CA LEU B 112 23.68 27.05 -4.27
C LEU B 112 23.48 28.13 -5.33
N GLU B 113 23.44 29.39 -4.86
CA GLU B 113 23.31 30.52 -5.79
C GLU B 113 24.53 30.65 -6.68
N ASP B 114 25.72 30.55 -6.09
CA ASP B 114 26.95 30.47 -6.84
C ASP B 114 27.94 29.58 -6.10
N LEU B 115 28.85 28.99 -6.84
CA LEU B 115 29.83 28.06 -6.29
C LEU B 115 31.08 28.76 -5.77
N LYS B 116 30.99 30.05 -5.46
CA LYS B 116 32.14 30.79 -4.95
C LYS B 116 32.47 30.40 -3.52
N ASN B 117 31.46 30.03 -2.73
CA ASN B 117 31.66 29.66 -1.33
C ASN B 117 32.02 28.20 -1.15
N VAL B 118 32.11 27.42 -2.24
CA VAL B 118 32.46 26.01 -2.11
C VAL B 118 33.93 25.89 -1.71
N PHE B 119 34.20 25.18 -0.62
CA PHE B 119 35.54 25.04 -0.09
C PHE B 119 35.79 23.60 0.34
N PRO B 120 36.95 23.05 0.01
CA PRO B 120 37.30 21.71 0.49
C PRO B 120 37.72 21.76 1.94
N PRO B 121 37.71 20.62 2.65
CA PRO B 121 38.03 20.63 4.07
C PRO B 121 39.52 20.49 4.34
N GLU B 122 39.90 20.85 5.56
CA GLU B 122 41.24 20.61 6.08
C GLU B 122 41.14 19.59 7.20
N VAL B 123 42.01 18.58 7.16
CA VAL B 123 41.92 17.43 8.05
C VAL B 123 43.17 17.38 8.92
N ALA B 124 42.97 17.03 10.20
CA ALA B 124 44.09 16.87 11.13
C ALA B 124 43.74 15.81 12.16
N VAL B 125 44.70 14.94 12.45
CA VAL B 125 44.54 13.90 13.47
C VAL B 125 45.24 14.35 14.73
N PHE B 126 44.64 14.05 15.88
CA PHE B 126 45.18 14.42 17.18
C PHE B 126 45.48 13.15 17.97
N GLU B 127 46.76 12.94 18.29
CA GLU B 127 47.19 11.73 18.95
C GLU B 127 46.61 11.64 20.36
N PRO B 128 46.46 10.43 20.89
CA PRO B 128 45.82 10.27 22.21
C PRO B 128 46.61 10.94 23.32
N SER B 129 45.95 11.04 24.48
CA SER B 129 46.57 11.65 25.66
C SER B 129 47.39 10.61 26.42
N GLU B 130 48.57 11.04 26.88
CA GLU B 130 49.40 10.15 27.68
C GLU B 130 48.72 9.83 29.01
N ALA B 131 48.00 10.80 29.58
CA ALA B 131 47.30 10.57 30.84
C ALA B 131 46.11 9.64 30.69
N GLU B 132 45.57 9.52 29.48
CA GLU B 132 44.45 8.61 29.23
C GLU B 132 44.92 7.16 29.17
N ILE B 133 46.08 6.93 28.58
CA ILE B 133 46.60 5.57 28.46
C ILE B 133 46.91 4.99 29.84
N SER B 134 47.48 5.82 30.72
CA SER B 134 47.79 5.37 32.07
C SER B 134 46.53 5.14 32.91
N HIS B 135 45.42 5.81 32.58
CA HIS B 135 44.20 5.73 33.37
C HIS B 135 43.22 4.72 32.79
N THR B 136 42.74 4.94 31.56
CA THR B 136 41.74 4.08 30.97
C THR B 136 42.32 2.83 30.31
N GLN B 137 43.65 2.74 30.20
CA GLN B 137 44.32 1.64 29.51
C GLN B 137 43.89 1.55 28.04
N LYS B 138 43.44 2.67 27.48
CA LYS B 138 43.00 2.74 26.10
C LYS B 138 43.60 3.99 25.45
N ALA B 139 43.48 4.08 24.13
CA ALA B 139 43.97 5.23 23.37
C ALA B 139 42.93 5.62 22.33
N THR B 140 42.45 6.86 22.40
CA THR B 140 41.48 7.37 21.45
C THR B 140 42.10 8.47 20.59
N LEU B 141 41.77 8.46 19.30
CA LEU B 141 42.34 9.36 18.32
C LEU B 141 41.21 10.12 17.65
N VAL B 142 41.31 11.45 17.63
CA VAL B 142 40.24 12.31 17.13
C VAL B 142 40.67 12.91 15.78
N CYS B 143 39.79 12.78 14.79
CA CYS B 143 39.97 13.39 13.48
C CYS B 143 39.10 14.63 13.39
N LEU B 144 39.64 15.68 12.78
CA LEU B 144 38.95 16.96 12.69
C LEU B 144 38.98 17.44 11.24
N ALA B 145 37.80 17.77 10.72
CA ALA B 145 37.64 18.33 9.38
C ALA B 145 37.12 19.75 9.51
N THR B 146 37.83 20.71 8.92
CA THR B 146 37.55 22.12 9.13
C THR B 146 37.41 22.85 7.79
N GLY B 147 36.51 23.82 7.77
CA GLY B 147 36.41 24.78 6.68
C GLY B 147 35.92 24.25 5.35
N PHE B 148 34.91 23.39 5.37
CA PHE B 148 34.33 22.87 4.13
C PHE B 148 32.91 23.39 3.95
N TYR B 149 32.48 23.45 2.69
CA TYR B 149 31.16 23.93 2.31
C TYR B 149 30.82 23.42 0.91
N PRO B 150 29.67 22.77 0.72
CA PRO B 150 28.63 22.45 1.70
C PRO B 150 29.01 21.28 2.61
N ASP B 151 28.01 20.65 3.21
CA ASP B 151 28.20 19.61 4.22
C ASP B 151 28.33 18.21 3.64
N HIS B 152 28.55 18.08 2.32
CA HIS B 152 28.66 16.77 1.67
C HIS B 152 30.03 16.17 1.96
N VAL B 153 30.14 15.53 3.12
CA VAL B 153 31.38 14.93 3.56
C VAL B 153 31.10 13.56 4.14
N GLU B 154 31.98 12.61 3.85
CA GLU B 154 31.89 11.25 4.38
C GLU B 154 33.24 10.91 5.00
N LEU B 155 33.26 10.73 6.32
CA LEU B 155 34.50 10.46 7.03
C LEU B 155 34.61 8.96 7.31
N SER B 156 35.80 8.42 7.09
CA SER B 156 36.08 7.02 7.35
C SER B 156 37.50 6.87 7.89
N TRP B 157 37.72 5.80 8.66
CA TRP B 157 39.03 5.52 9.23
C TRP B 157 39.69 4.36 8.47
N TRP B 158 41.03 4.38 8.43
CA TRP B 158 41.81 3.38 7.72
C TRP B 158 43.02 3.02 8.58
N VAL B 159 42.95 1.87 9.26
CA VAL B 159 44.02 1.42 10.14
C VAL B 159 44.91 0.45 9.37
N ASN B 160 46.20 0.76 9.30
CA ASN B 160 47.20 -0.10 8.64
C ASN B 160 46.82 -0.35 7.19
N GLY B 161 46.37 0.69 6.50
CA GLY B 161 46.02 0.59 5.09
C GLY B 161 44.64 0.05 4.81
N LYS B 162 44.02 -0.67 5.73
CA LYS B 162 42.68 -1.22 5.55
C LYS B 162 41.67 -0.47 6.42
N GLU B 163 40.42 -0.43 5.95
CA GLU B 163 39.38 0.32 6.62
C GLU B 163 38.87 -0.42 7.85
N VAL B 164 38.40 0.36 8.84
CA VAL B 164 37.86 -0.18 10.08
C VAL B 164 36.53 0.49 10.38
N HIS B 165 35.78 -0.12 11.29
CA HIS B 165 34.52 0.42 11.78
C HIS B 165 34.33 0.30 13.28
N SER B 166 34.91 -0.73 13.92
CA SER B 166 34.81 -0.88 15.37
C SER B 166 35.57 0.25 16.07
N GLY B 167 35.11 0.60 17.26
CA GLY B 167 35.76 1.65 18.04
C GLY B 167 35.74 3.00 17.37
N VAL B 168 34.76 3.24 16.50
CA VAL B 168 34.66 4.47 15.72
C VAL B 168 33.33 5.14 16.04
N CYS B 169 33.38 6.44 16.26
CA CYS B 169 32.18 7.27 16.32
C CYS B 169 32.39 8.50 15.43
N THR B 170 31.29 9.01 14.88
CA THR B 170 31.34 10.17 14.00
C THR B 170 30.07 10.99 14.23
N ASP B 171 30.23 12.31 14.23
CA ASP B 171 29.09 13.19 14.44
C ASP B 171 28.04 12.96 13.35
N PRO B 172 26.76 12.84 13.70
CA PRO B 172 25.75 12.62 12.66
C PRO B 172 25.58 13.81 11.72
N GLN B 173 25.76 15.02 12.22
CA GLN B 173 25.60 16.23 11.44
C GLN B 173 26.85 17.09 11.55
N PRO B 174 27.22 17.80 10.48
CA PRO B 174 28.34 18.74 10.57
C PRO B 174 27.99 19.92 11.47
N LEU B 175 29.03 20.57 11.97
CA LEU B 175 28.91 21.66 12.91
C LEU B 175 29.17 22.99 12.18
N LYS B 176 28.24 23.93 12.34
CA LYS B 176 28.41 25.25 11.76
C LYS B 176 29.48 26.01 12.53
N GLU B 177 30.53 26.46 11.82
CA GLU B 177 31.63 27.16 12.48
C GLU B 177 31.20 28.53 12.98
N GLN B 178 30.49 29.29 12.15
CA GLN B 178 30.10 30.66 12.45
C GLN B 178 28.61 30.81 12.22
N PRO B 179 27.78 30.36 13.17
CA PRO B 179 26.33 30.55 13.03
C PRO B 179 25.90 32.00 12.85
N ALA B 180 26.82 32.96 13.02
CA ALA B 180 26.52 34.35 12.68
C ALA B 180 26.33 34.50 11.17
N LEU B 181 27.35 34.14 10.40
CA LEU B 181 27.25 34.19 8.95
C LEU B 181 26.34 33.07 8.44
N ASN B 182 25.43 33.42 7.53
CA ASN B 182 24.47 32.45 7.02
C ASN B 182 25.13 31.41 6.13
N ASP B 183 26.20 31.78 5.43
CA ASP B 183 26.95 30.88 4.55
C ASP B 183 28.21 30.35 5.23
N SER B 184 28.12 30.01 6.51
CA SER B 184 29.29 29.61 7.28
C SER B 184 29.81 28.25 6.85
N ARG B 185 31.13 28.08 6.98
CA ARG B 185 31.76 26.80 6.73
C ARG B 185 31.38 25.81 7.84
N TYR B 186 31.53 24.52 7.54
CA TYR B 186 31.14 23.47 8.47
C TYR B 186 32.36 22.75 9.01
N CYS B 187 32.15 22.08 10.15
CA CYS B 187 33.17 21.27 10.80
C CYS B 187 32.56 19.94 11.22
N LEU B 188 33.42 18.94 11.36
CA LEU B 188 32.98 17.59 11.74
C LEU B 188 34.10 16.90 12.47
N SER B 189 33.74 16.16 13.53
CA SER B 189 34.70 15.45 14.35
C SER B 189 34.35 13.97 14.40
N SER B 190 35.39 13.14 14.48
CA SER B 190 35.22 11.70 14.58
C SER B 190 36.36 11.16 15.43
N ARG B 191 36.08 10.13 16.21
CA ARG B 191 37.06 9.54 17.10
C ARG B 191 37.27 8.07 16.75
N LEU B 192 38.48 7.58 16.99
CA LEU B 192 38.84 6.18 16.84
C LEU B 192 39.56 5.74 18.09
N ARG B 193 38.93 4.88 18.89
CA ARG B 193 39.49 4.41 20.15
C ARG B 193 39.97 2.98 19.95
N VAL B 194 41.28 2.78 20.06
CA VAL B 194 41.88 1.45 19.93
C VAL B 194 42.47 1.04 21.28
N SER B 195 43.02 -0.17 21.33
CA SER B 195 43.70 -0.62 22.54
C SER B 195 44.98 0.18 22.75
N ALA B 196 45.29 0.47 24.02
CA ALA B 196 46.49 1.25 24.33
C ALA B 196 47.75 0.57 23.81
N THR B 197 47.77 -0.76 23.79
CA THR B 197 48.94 -1.47 23.26
C THR B 197 49.01 -1.37 21.75
N PHE B 198 47.87 -1.20 21.08
CA PHE B 198 47.88 -1.13 19.62
C PHE B 198 48.40 0.20 19.12
N TRP B 199 48.01 1.30 19.77
CA TRP B 199 48.55 2.61 19.40
C TRP B 199 50.02 2.73 19.81
N GLN B 200 50.38 2.17 20.97
CA GLN B 200 51.77 2.25 21.43
C GLN B 200 52.71 1.51 20.49
N ASN B 201 52.20 0.50 19.77
CA ASN B 201 52.98 -0.22 18.77
C ASN B 201 53.36 0.74 17.65
N PRO B 202 54.65 1.08 17.52
CA PRO B 202 55.06 2.14 16.59
C PRO B 202 54.93 1.77 15.12
N ARG B 203 54.47 0.57 14.78
CA ARG B 203 54.34 0.14 13.39
C ARG B 203 52.88 0.02 12.96
N ASN B 204 52.01 0.86 13.52
CA ASN B 204 50.59 0.88 13.17
C ASN B 204 50.26 2.23 12.55
N HIS B 205 49.66 2.21 11.36
CA HIS B 205 49.30 3.41 10.63
C HIS B 205 47.83 3.73 10.83
N PHE B 206 47.55 4.97 11.24
CA PHE B 206 46.20 5.45 11.47
C PHE B 206 45.93 6.62 10.54
N ARG B 207 44.82 6.56 9.82
CA ARG B 207 44.51 7.54 8.77
C ARG B 207 43.01 7.71 8.67
N CYS B 208 42.51 8.91 8.95
CA CYS B 208 41.10 9.24 8.76
C CYS B 208 40.91 9.89 7.41
N GLN B 209 39.91 9.43 6.68
CA GLN B 209 39.65 9.85 5.31
C GLN B 209 38.35 10.65 5.26
N VAL B 210 38.38 11.77 4.55
CA VAL B 210 37.21 12.63 4.40
C VAL B 210 36.93 12.76 2.91
N GLN B 211 35.93 12.03 2.43
CA GLN B 211 35.50 12.14 1.03
C GLN B 211 34.63 13.39 0.92
N PHE B 212 35.21 14.46 0.41
CA PHE B 212 34.48 15.71 0.23
C PHE B 212 33.87 15.74 -1.16
N TYR B 213 32.55 15.85 -1.23
CA TYR B 213 31.85 15.90 -2.51
C TYR B 213 31.62 17.37 -2.85
N GLY B 214 32.44 17.89 -3.75
CA GLY B 214 32.31 19.28 -4.17
C GLY B 214 31.96 19.41 -5.64
N LEU B 215 32.62 20.33 -6.32
CA LEU B 215 32.34 20.57 -7.73
C LEU B 215 32.96 19.47 -8.59
N SER B 216 32.47 19.37 -9.82
CA SER B 216 33.05 18.46 -10.79
C SER B 216 34.10 19.20 -11.62
N GLU B 217 35.03 18.44 -12.18
CA GLU B 217 36.03 19.04 -13.06
C GLU B 217 35.41 19.62 -14.33
N ASN B 218 34.14 19.33 -14.60
CA ASN B 218 33.45 19.87 -15.75
C ASN B 218 32.88 21.26 -15.50
N ASP B 219 32.84 21.71 -14.26
CA ASP B 219 32.32 23.04 -13.93
C ASP B 219 33.37 24.11 -14.18
N GLU B 220 32.92 25.37 -14.18
CA GLU B 220 33.80 26.49 -14.39
C GLU B 220 34.39 26.97 -13.07
N TRP B 221 35.51 27.69 -13.16
CA TRP B 221 36.17 28.23 -11.98
C TRP B 221 37.00 29.44 -12.40
N THR B 222 36.69 30.61 -11.84
CA THR B 222 37.34 31.86 -12.21
C THR B 222 38.07 32.49 -11.02
N GLN B 223 38.52 31.67 -10.08
CA GLN B 223 39.26 32.15 -8.92
C GLN B 223 40.69 31.60 -8.96
N ASP B 224 41.62 32.38 -8.39
CA ASP B 224 43.02 32.01 -8.44
C ASP B 224 43.33 30.82 -7.54
N ARG B 225 42.60 30.66 -6.45
CA ARG B 225 42.83 29.54 -5.56
C ARG B 225 42.36 28.24 -6.20
N ALA B 226 42.73 27.12 -5.57
CA ALA B 226 42.47 25.81 -6.13
C ALA B 226 40.97 25.56 -6.27
N LYS B 227 40.61 24.84 -7.32
CA LYS B 227 39.21 24.55 -7.59
C LYS B 227 38.70 23.53 -6.58
N PRO B 228 37.60 23.81 -5.88
CA PRO B 228 37.07 22.90 -4.84
C PRO B 228 36.32 21.72 -5.43
N VAL B 229 37.08 20.78 -6.01
CA VAL B 229 36.51 19.61 -6.65
C VAL B 229 36.38 18.48 -5.63
N THR B 230 35.71 17.40 -6.02
CA THR B 230 35.59 16.23 -5.16
C THR B 230 36.96 15.62 -4.92
N GLN B 231 37.41 15.67 -3.67
CA GLN B 231 38.75 15.20 -3.33
C GLN B 231 38.68 14.45 -2.01
N ILE B 232 39.83 13.93 -1.59
CA ILE B 232 39.94 13.09 -0.39
C ILE B 232 41.10 13.65 0.43
N VAL B 233 40.80 14.59 1.31
CA VAL B 233 41.80 15.10 2.24
C VAL B 233 41.88 14.16 3.43
N SER B 234 43.10 13.89 3.89
CA SER B 234 43.28 12.92 4.97
C SER B 234 44.52 13.30 5.77
N ALA B 235 44.55 12.82 7.03
CA ALA B 235 45.68 13.05 7.93
C ALA B 235 46.20 11.72 8.45
N GLU B 236 47.51 11.59 8.54
CA GLU B 236 48.16 10.34 8.93
C GLU B 236 48.64 10.40 10.36
N ALA B 237 48.66 9.24 11.01
CA ALA B 237 49.13 9.11 12.38
C ALA B 237 49.75 7.72 12.57
N TRP B 238 50.94 7.70 13.18
CA TRP B 238 51.65 6.45 13.44
C TRP B 238 51.81 6.25 14.94
N GLY B 239 52.13 5.02 15.31
CA GLY B 239 52.31 4.70 16.72
C GLY B 239 53.45 5.48 17.34
N ARG B 240 53.29 5.84 18.60
CA ARG B 240 54.26 6.65 19.33
C ARG B 240 54.76 5.89 20.55
N ALA B 241 55.90 6.35 21.07
CA ALA B 241 56.57 5.75 22.23
C ALA B 241 56.79 4.25 22.04
N GLY C 1 -32.27 -17.26 9.49
CA GLY C 1 -31.13 -18.16 9.41
C GLY C 1 -29.82 -17.47 9.08
N SER C 2 -29.05 -18.08 8.17
CA SER C 2 -27.77 -17.52 7.77
C SER C 2 -27.95 -16.44 6.72
N HIS C 3 -26.97 -15.54 6.65
CA HIS C 3 -26.98 -14.43 5.71
C HIS C 3 -25.66 -14.37 4.96
N SER C 4 -25.61 -13.51 3.94
CA SER C 4 -24.43 -13.41 3.10
C SER C 4 -24.34 -12.02 2.48
N MET C 5 -23.10 -11.62 2.19
CA MET C 5 -22.81 -10.46 1.37
C MET C 5 -21.82 -10.88 0.28
N ARG C 6 -22.11 -10.49 -0.96
CA ARG C 6 -21.31 -10.88 -2.11
C ARG C 6 -21.06 -9.67 -2.99
N TYR C 7 -19.95 -9.69 -3.71
CA TYR C 7 -19.63 -8.67 -4.71
C TYR C 7 -19.21 -9.37 -5.99
N PHE C 8 -19.88 -9.05 -7.09
CA PHE C 8 -19.62 -9.63 -8.39
C PHE C 8 -19.02 -8.58 -9.32
N HIS C 9 -18.00 -8.98 -10.07
CA HIS C 9 -17.36 -8.09 -11.03
C HIS C 9 -17.27 -8.81 -12.38
N THR C 10 -17.34 -8.01 -13.45
CA THR C 10 -17.23 -8.52 -14.82
C THR C 10 -16.54 -7.48 -15.66
N SER C 11 -15.43 -7.84 -16.30
CA SER C 11 -14.75 -6.99 -17.26
C SER C 11 -14.72 -7.71 -18.60
N VAL C 12 -15.26 -7.08 -19.63
CA VAL C 12 -15.33 -7.66 -20.98
C VAL C 12 -14.56 -6.75 -21.91
N SER C 13 -13.43 -7.23 -22.42
CA SER C 13 -12.60 -6.42 -23.30
C SER C 13 -13.31 -6.19 -24.64
N ARG C 14 -13.11 -4.99 -25.18
CA ARG C 14 -13.72 -4.58 -26.44
C ARG C 14 -12.59 -4.11 -27.35
N PRO C 15 -12.02 -5.01 -28.14
CA PRO C 15 -10.89 -4.63 -29.00
C PRO C 15 -11.31 -3.60 -30.03
N GLY C 16 -10.52 -2.52 -30.15
CA GLY C 16 -10.74 -1.50 -31.16
C GLY C 16 -11.89 -0.57 -30.84
N ARG C 17 -12.73 -0.97 -29.90
CA ARG C 17 -13.87 -0.19 -29.46
C ARG C 17 -13.62 0.56 -28.15
N GLY C 18 -12.37 0.63 -27.71
CA GLY C 18 -12.04 1.34 -26.50
C GLY C 18 -11.68 0.45 -25.32
N GLU C 19 -11.93 0.95 -24.10
CA GLU C 19 -11.56 0.27 -22.86
C GLU C 19 -12.63 -0.73 -22.43
N PRO C 20 -12.23 -1.80 -21.74
CA PRO C 20 -13.19 -2.86 -21.41
C PRO C 20 -14.38 -2.37 -20.61
N ARG C 21 -15.53 -2.99 -20.86
CA ARG C 21 -16.73 -2.71 -20.10
C ARG C 21 -16.62 -3.38 -18.74
N PHE C 22 -16.81 -2.61 -17.67
CA PHE C 22 -16.71 -3.10 -16.31
C PHE C 22 -18.06 -2.89 -15.62
N ILE C 23 -18.61 -3.97 -15.09
CA ILE C 23 -19.88 -3.93 -14.37
C ILE C 23 -19.70 -4.71 -13.07
N THR C 24 -19.99 -4.07 -11.94
CA THR C 24 -19.91 -4.71 -10.64
C THR C 24 -21.18 -4.43 -9.85
N VAL C 25 -21.64 -5.43 -9.09
CA VAL C 25 -22.85 -5.31 -8.31
C VAL C 25 -22.60 -5.88 -6.91
N GLY C 26 -23.36 -5.37 -5.94
CA GLY C 26 -23.27 -5.86 -4.58
C GLY C 26 -24.60 -6.40 -4.09
N TYR C 27 -24.55 -7.57 -3.46
CA TYR C 27 -25.74 -8.26 -2.97
C TYR C 27 -25.63 -8.52 -1.48
N VAL C 28 -26.73 -8.30 -0.77
CA VAL C 28 -26.93 -8.82 0.57
C VAL C 28 -28.03 -9.87 0.48
N ASP C 29 -27.70 -11.12 0.82
CA ASP C 29 -28.58 -12.27 0.61
C ASP C 29 -28.91 -12.31 -0.88
N ASP C 30 -30.16 -12.13 -1.29
CA ASP C 30 -30.53 -12.05 -2.70
C ASP C 30 -31.01 -10.66 -3.10
N THR C 31 -30.65 -9.64 -2.32
CA THR C 31 -31.07 -8.26 -2.57
C THR C 31 -29.91 -7.46 -3.14
N LEU C 32 -30.11 -6.91 -4.34
CA LEU C 32 -29.15 -5.98 -4.92
C LEU C 32 -29.24 -4.63 -4.21
N PHE C 33 -28.08 -4.05 -3.89
CA PHE C 33 -28.09 -2.75 -3.21
C PHE C 33 -27.06 -1.76 -3.73
N VAL C 34 -26.05 -2.17 -4.51
CA VAL C 34 -25.09 -1.24 -5.10
C VAL C 34 -24.72 -1.73 -6.49
N ARG C 35 -24.33 -0.78 -7.35
CA ARG C 35 -23.86 -1.11 -8.68
C ARG C 35 -22.87 -0.06 -9.14
N PHE C 36 -22.10 -0.43 -10.16
CA PHE C 36 -21.17 0.47 -10.81
C PHE C 36 -20.99 -0.01 -12.25
N ASP C 37 -21.18 0.89 -13.20
CA ASP C 37 -21.06 0.60 -14.63
C ASP C 37 -20.13 1.62 -15.26
N SER C 38 -19.09 1.14 -15.92
CA SER C 38 -18.12 2.03 -16.55
C SER C 38 -18.68 2.76 -17.76
N ASP C 39 -19.78 2.27 -18.32
CA ASP C 39 -20.36 2.85 -19.52
C ASP C 39 -21.21 4.09 -19.23
N ALA C 40 -21.12 4.64 -18.03
CA ALA C 40 -21.75 5.91 -17.72
C ALA C 40 -20.79 7.06 -18.00
N ALA C 41 -21.36 8.25 -18.22
CA ALA C 41 -20.55 9.42 -18.50
C ALA C 41 -19.66 9.77 -17.32
N SER C 42 -20.24 9.87 -16.12
CA SER C 42 -19.48 10.05 -14.88
C SER C 42 -19.66 8.78 -14.05
N PRO C 43 -18.78 7.80 -14.18
CA PRO C 43 -18.99 6.50 -13.50
C PRO C 43 -18.84 6.64 -12.00
N ARG C 44 -19.90 6.29 -11.27
CA ARG C 44 -19.89 6.31 -9.81
C ARG C 44 -20.73 5.15 -9.29
N GLU C 45 -20.37 4.66 -8.10
CA GLU C 45 -21.17 3.64 -7.45
C GLU C 45 -22.49 4.22 -6.98
N GLU C 46 -23.59 3.59 -7.40
CA GLU C 46 -24.92 4.12 -7.12
C GLU C 46 -25.70 3.15 -6.25
N PRO C 47 -26.58 3.66 -5.39
CA PRO C 47 -27.36 2.78 -4.52
C PRO C 47 -28.51 2.10 -5.26
N ARG C 48 -28.94 0.96 -4.70
CA ARG C 48 -30.07 0.21 -5.25
C ARG C 48 -31.00 -0.31 -4.18
N ALA C 49 -30.87 0.15 -2.94
CA ALA C 49 -31.74 -0.24 -1.85
C ALA C 49 -31.91 0.94 -0.92
N PRO C 50 -33.03 1.03 -0.19
CA PRO C 50 -33.22 2.20 0.69
C PRO C 50 -32.27 2.22 1.87
N TRP C 51 -31.97 1.07 2.47
CA TRP C 51 -31.15 1.02 3.68
C TRP C 51 -29.68 1.33 3.44
N ILE C 52 -29.25 1.48 2.18
CA ILE C 52 -27.86 1.83 1.88
C ILE C 52 -27.70 3.31 1.56
N GLU C 53 -28.78 4.03 1.26
CA GLU C 53 -28.68 5.44 0.90
C GLU C 53 -28.26 6.32 2.07
N GLN C 54 -28.36 5.83 3.30
CA GLN C 54 -28.02 6.63 4.47
C GLN C 54 -26.52 6.81 4.65
N GLU C 55 -25.69 6.10 3.89
CA GLU C 55 -24.25 6.21 4.05
C GLU C 55 -23.76 7.57 3.56
N GLY C 56 -22.75 8.10 4.25
CA GLY C 56 -22.23 9.40 3.93
C GLY C 56 -21.44 9.40 2.64
N PRO C 57 -21.00 10.59 2.22
CA PRO C 57 -20.17 10.68 1.02
C PRO C 57 -18.84 9.96 1.13
N GLU C 58 -18.28 9.86 2.34
CA GLU C 58 -17.02 9.15 2.51
C GLU C 58 -17.17 7.66 2.18
N TYR C 59 -18.38 7.12 2.31
CA TYR C 59 -18.64 5.75 1.89
C TYR C 59 -18.69 5.63 0.37
N TRP C 60 -19.50 6.48 -0.28
CA TRP C 60 -19.68 6.38 -1.72
C TRP C 60 -18.39 6.71 -2.47
N ASP C 61 -17.60 7.67 -1.97
CA ASP C 61 -16.35 7.97 -2.65
C ASP C 61 -15.38 6.79 -2.57
N ARG C 62 -15.33 6.12 -1.41
CA ARG C 62 -14.49 4.94 -1.28
CA ARG C 62 -14.49 4.94 -1.28
C ARG C 62 -14.98 3.81 -2.18
N GLU C 63 -16.30 3.61 -2.24
CA GLU C 63 -16.85 2.58 -3.11
C GLU C 63 -16.56 2.88 -4.58
N THR C 64 -16.68 4.15 -4.97
CA THR C 64 -16.37 4.52 -6.35
C THR C 64 -14.88 4.35 -6.65
N GLN C 65 -14.02 4.73 -5.71
CA GLN C 65 -12.59 4.59 -5.94
C GLN C 65 -12.16 3.13 -6.02
N ILE C 66 -12.85 2.25 -5.30
CA ILE C 66 -12.50 0.83 -5.33
C ILE C 66 -13.02 0.18 -6.60
N SER C 67 -14.23 0.55 -7.04
CA SER C 67 -14.73 0.06 -8.31
C SER C 67 -13.83 0.47 -9.47
N LYS C 68 -13.38 1.73 -9.47
CA LYS C 68 -12.52 2.20 -10.56
C LYS C 68 -11.15 1.55 -10.51
N ALA C 69 -10.64 1.25 -9.30
CA ALA C 69 -9.35 0.56 -9.20
C ALA C 69 -9.46 -0.89 -9.66
N LYS C 70 -10.61 -1.51 -9.44
CA LYS C 70 -10.81 -2.88 -9.92
C LYS C 70 -10.99 -2.91 -11.44
N ALA C 71 -11.66 -1.91 -11.99
CA ALA C 71 -11.73 -1.79 -13.45
C ALA C 71 -10.35 -1.59 -14.04
N GLN C 72 -9.49 -0.82 -13.36
CA GLN C 72 -8.15 -0.63 -13.88
C GLN C 72 -7.32 -1.90 -13.76
N THR C 73 -7.38 -2.55 -12.58
CA THR C 73 -6.66 -3.81 -12.41
C THR C 73 -7.10 -4.83 -13.44
N ASP C 74 -8.40 -4.90 -13.74
CA ASP C 74 -8.88 -5.86 -14.74
C ASP C 74 -8.34 -5.57 -16.12
N ARG C 75 -8.27 -4.28 -16.50
CA ARG C 75 -7.73 -3.92 -17.81
C ARG C 75 -6.31 -4.44 -17.97
N GLU C 76 -5.50 -4.33 -16.92
CA GLU C 76 -4.15 -4.86 -16.97
C GLU C 76 -4.16 -6.39 -17.00
N ASP C 77 -5.12 -7.01 -16.32
CA ASP C 77 -5.16 -8.47 -16.25
C ASP C 77 -5.54 -9.07 -17.60
N LEU C 78 -6.56 -8.49 -18.25
CA LEU C 78 -6.88 -8.84 -19.63
C LEU C 78 -5.63 -8.87 -20.51
N ARG C 79 -4.83 -7.80 -20.51
CA ARG C 79 -3.64 -7.81 -21.35
C ARG C 79 -2.60 -8.79 -20.85
N THR C 80 -2.49 -8.95 -19.53
CA THR C 80 -1.53 -9.90 -18.98
C THR C 80 -1.89 -11.33 -19.37
N LEU C 81 -3.19 -11.66 -19.30
CA LEU C 81 -3.60 -13.03 -19.60
C LEU C 81 -3.50 -13.36 -21.08
N LEU C 82 -3.56 -12.36 -21.96
CA LEU C 82 -3.25 -12.60 -23.37
C LEU C 82 -1.83 -13.11 -23.53
N ARG C 83 -0.90 -12.60 -22.72
CA ARG C 83 0.46 -13.10 -22.75
C ARG C 83 0.54 -14.51 -22.20
N TYR C 84 -0.21 -14.78 -21.13
CA TYR C 84 -0.16 -16.09 -20.48
C TYR C 84 -0.66 -17.19 -21.41
N TYR C 85 -1.79 -16.95 -22.06
CA TYR C 85 -2.40 -17.92 -22.96
C TYR C 85 -2.01 -17.73 -24.41
N ASN C 86 -1.15 -16.75 -24.71
CA ASN C 86 -0.66 -16.50 -26.06
C ASN C 86 -1.83 -16.24 -27.03
N GLN C 87 -2.73 -15.35 -26.62
CA GLN C 87 -3.93 -15.04 -27.38
C GLN C 87 -3.79 -13.70 -28.10
N SER C 88 -4.52 -13.55 -29.19
CA SER C 88 -4.50 -12.35 -30.00
C SER C 88 -5.26 -11.22 -29.31
N GLU C 89 -4.78 -9.99 -29.50
CA GLU C 89 -5.43 -8.83 -28.91
C GLU C 89 -6.67 -8.39 -29.67
N ALA C 90 -7.11 -9.14 -30.68
CA ALA C 90 -8.28 -8.79 -31.45
C ALA C 90 -9.57 -9.41 -30.91
N GLY C 91 -9.47 -10.36 -29.99
CA GLY C 91 -10.63 -11.07 -29.48
C GLY C 91 -11.06 -10.57 -28.12
N SER C 92 -12.38 -10.57 -27.90
CA SER C 92 -12.95 -10.20 -26.61
C SER C 92 -12.77 -11.32 -25.60
N HIS C 93 -12.39 -10.94 -24.39
CA HIS C 93 -12.26 -11.89 -23.29
C HIS C 93 -12.94 -11.32 -22.05
N THR C 94 -13.27 -12.20 -21.11
CA THR C 94 -14.09 -11.85 -19.97
C THR C 94 -13.42 -12.30 -18.68
N LEU C 95 -13.18 -11.37 -17.78
CA LEU C 95 -12.69 -11.65 -16.44
C LEU C 95 -13.81 -11.46 -15.44
N GLN C 96 -14.08 -12.47 -14.64
CA GLN C 96 -15.09 -12.38 -13.59
C GLN C 96 -14.42 -12.61 -12.25
N ASN C 97 -14.92 -11.92 -11.25
CA ASN C 97 -14.46 -12.11 -9.88
C ASN C 97 -15.68 -12.08 -8.98
N MET C 98 -15.68 -12.94 -7.99
CA MET C 98 -16.70 -12.88 -6.95
C MET C 98 -15.99 -13.05 -5.62
N TYR C 99 -16.35 -12.23 -4.64
CA TYR C 99 -15.85 -12.42 -3.29
C TYR C 99 -16.94 -12.04 -2.31
N GLY C 100 -16.87 -12.64 -1.13
CA GLY C 100 -17.87 -12.37 -0.11
C GLY C 100 -17.71 -13.28 1.09
N CYS C 101 -18.63 -13.11 2.04
CA CYS C 101 -18.57 -13.81 3.31
C CYS C 101 -19.96 -14.31 3.69
N ASP C 102 -19.99 -15.49 4.29
CA ASP C 102 -21.22 -16.10 4.81
C ASP C 102 -21.22 -16.01 6.32
N VAL C 103 -22.29 -15.46 6.88
CA VAL C 103 -22.47 -15.37 8.33
C VAL C 103 -23.69 -16.20 8.71
N GLY C 104 -23.69 -16.67 9.95
CA GLY C 104 -24.80 -17.42 10.47
C GLY C 104 -25.78 -16.55 11.23
N PRO C 105 -26.79 -17.18 11.84
CA PRO C 105 -27.72 -16.40 12.67
C PRO C 105 -27.09 -15.79 13.89
N ASP C 106 -25.92 -16.27 14.31
CA ASP C 106 -25.22 -15.69 15.46
C ASP C 106 -24.39 -14.47 15.09
N GLY C 107 -24.03 -14.32 13.81
CA GLY C 107 -23.27 -13.18 13.34
C GLY C 107 -21.81 -13.47 13.05
N ARG C 108 -21.33 -14.66 13.36
CA ARG C 108 -19.93 -15.00 13.12
C ARG C 108 -19.75 -15.48 11.68
N LEU C 109 -18.49 -15.62 11.28
CA LEU C 109 -18.15 -15.98 9.90
C LEU C 109 -18.25 -17.48 9.71
N LEU C 110 -19.09 -17.91 8.76
CA LEU C 110 -19.16 -19.32 8.40
C LEU C 110 -18.15 -19.68 7.31
N ARG C 111 -17.99 -18.82 6.31
CA ARG C 111 -17.13 -19.12 5.17
C ARG C 111 -16.80 -17.83 4.45
N GLY C 112 -15.57 -17.72 3.98
CA GLY C 112 -15.12 -16.60 3.16
C GLY C 112 -14.74 -17.11 1.78
N TYR C 113 -15.11 -16.36 0.75
CA TYR C 113 -14.87 -16.81 -0.62
C TYR C 113 -14.34 -15.67 -1.47
N HIS C 114 -13.39 -16.01 -2.35
CA HIS C 114 -12.81 -15.08 -3.31
C HIS C 114 -12.30 -15.93 -4.47
N GLN C 115 -12.90 -15.77 -5.65
CA GLN C 115 -12.57 -16.61 -6.79
C GLN C 115 -12.66 -15.80 -8.09
N ASP C 116 -11.81 -16.16 -9.04
CA ASP C 116 -11.72 -15.46 -10.33
C ASP C 116 -11.89 -16.44 -11.47
N ALA C 117 -12.55 -16.00 -12.54
CA ALA C 117 -12.70 -16.78 -13.76
C ALA C 117 -12.23 -16.00 -14.97
N TYR C 118 -11.77 -16.72 -15.98
CA TYR C 118 -11.33 -16.16 -17.25
C TYR C 118 -12.03 -16.91 -18.37
N ASP C 119 -12.85 -16.19 -19.14
CA ASP C 119 -13.63 -16.77 -20.23
C ASP C 119 -14.52 -17.91 -19.72
N GLY C 120 -15.16 -17.68 -18.57
CA GLY C 120 -16.16 -18.59 -18.04
C GLY C 120 -15.65 -19.79 -17.28
N LYS C 121 -14.34 -20.06 -17.32
CA LYS C 121 -13.74 -21.17 -16.57
C LYS C 121 -12.95 -20.61 -15.39
N ASP C 122 -13.00 -21.34 -14.27
CA ASP C 122 -12.23 -21.01 -13.08
C ASP C 122 -10.78 -20.72 -13.44
N TYR C 123 -10.22 -19.69 -12.81
CA TYR C 123 -8.83 -19.33 -13.01
C TYR C 123 -8.03 -19.54 -11.72
N ILE C 124 -8.39 -18.85 -10.64
CA ILE C 124 -7.74 -19.00 -9.34
C ILE C 124 -8.81 -18.71 -8.28
N ALA C 125 -8.66 -19.34 -7.12
CA ALA C 125 -9.65 -19.21 -6.06
C ALA C 125 -8.96 -19.29 -4.70
N LEU C 126 -9.45 -18.49 -3.75
CA LEU C 126 -8.98 -18.60 -2.37
C LEU C 126 -9.64 -19.80 -1.72
N ASN C 127 -8.83 -20.72 -1.21
CA ASN C 127 -9.37 -21.88 -0.53
C ASN C 127 -10.09 -21.45 0.74
N GLU C 128 -10.87 -22.37 1.29
CA GLU C 128 -11.72 -22.04 2.43
C GLU C 128 -10.93 -21.78 3.70
N ASP C 129 -9.64 -22.12 3.73
CA ASP C 129 -8.77 -21.77 4.85
C ASP C 129 -8.31 -20.32 4.79
N LEU C 130 -8.65 -19.59 3.72
CA LEU C 130 -8.32 -18.16 3.56
C LEU C 130 -6.82 -17.91 3.60
N SER C 131 -6.02 -18.90 3.20
CA SER C 131 -4.58 -18.82 3.33
C SER C 131 -3.81 -19.41 2.16
N SER C 132 -4.44 -20.22 1.30
CA SER C 132 -3.78 -20.89 0.19
C SER C 132 -4.64 -20.81 -1.04
N TRP C 133 -4.01 -20.99 -2.20
CA TRP C 133 -4.70 -20.88 -3.48
C TRP C 133 -4.78 -22.23 -4.18
N THR C 134 -5.82 -22.39 -4.99
CA THR C 134 -5.86 -23.45 -5.99
C THR C 134 -5.97 -22.76 -7.35
N ALA C 135 -4.95 -22.95 -8.18
CA ALA C 135 -4.95 -22.42 -9.54
C ALA C 135 -5.40 -23.51 -10.51
N ALA C 136 -6.14 -23.10 -11.55
CA ALA C 136 -6.76 -24.07 -12.44
C ALA C 136 -5.80 -24.58 -13.50
N ASP C 137 -4.86 -23.74 -13.95
CA ASP C 137 -3.91 -24.16 -14.97
C ASP C 137 -2.57 -23.52 -14.66
N THR C 138 -1.58 -23.78 -15.52
CA THR C 138 -0.23 -23.32 -15.26
C THR C 138 -0.09 -21.80 -15.38
N ALA C 139 -0.98 -21.16 -16.14
CA ALA C 139 -0.98 -19.70 -16.17
C ALA C 139 -1.49 -19.12 -14.86
N ALA C 140 -2.57 -19.69 -14.32
CA ALA C 140 -3.01 -19.27 -13.01
C ALA C 140 -1.96 -19.55 -11.95
N GLN C 141 -1.16 -20.60 -12.13
CA GLN C 141 -0.06 -20.86 -11.21
C GLN C 141 0.99 -19.75 -11.26
N ILE C 142 1.11 -19.04 -12.39
CA ILE C 142 1.95 -17.85 -12.41
C ILE C 142 1.38 -16.80 -11.46
N THR C 143 0.08 -16.52 -11.59
CA THR C 143 -0.59 -15.60 -10.67
C THR C 143 -0.46 -16.06 -9.23
N GLN C 144 -0.55 -17.37 -9.00
CA GLN C 144 -0.55 -17.87 -7.62
C GLN C 144 0.76 -17.58 -6.93
N ARG C 145 1.89 -17.82 -7.61
CA ARG C 145 3.18 -17.56 -6.99
C ARG C 145 3.38 -16.06 -6.75
N LYS C 146 2.90 -15.22 -7.66
CA LYS C 146 2.97 -13.78 -7.42
C LYS C 146 2.05 -13.36 -6.28
N TRP C 147 0.87 -13.96 -6.20
CA TRP C 147 -0.05 -13.60 -5.13
C TRP C 147 0.43 -14.12 -3.78
N GLU C 148 1.15 -15.24 -3.77
CA GLU C 148 1.71 -15.71 -2.51
C GLU C 148 2.89 -14.84 -2.09
N ALA C 149 3.73 -14.46 -3.04
CA ALA C 149 4.87 -13.60 -2.75
C ALA C 149 4.42 -12.27 -2.14
N ALA C 150 3.39 -11.64 -2.73
CA ALA C 150 2.90 -10.35 -2.26
C ALA C 150 1.93 -10.46 -1.07
N ARG C 151 1.74 -11.67 -0.52
CA ARG C 151 0.94 -11.91 0.68
C ARG C 151 -0.52 -11.43 0.50
N VAL C 152 -1.08 -11.72 -0.67
CA VAL C 152 -2.43 -11.25 -1.00
C VAL C 152 -3.47 -11.86 -0.08
N ALA C 153 -3.35 -13.15 0.24
CA ALA C 153 -4.36 -13.81 1.06
C ALA C 153 -4.44 -13.20 2.45
N GLU C 154 -3.30 -12.77 3.02
CA GLU C 154 -3.32 -12.08 4.31
C GLU C 154 -4.37 -10.97 4.33
N GLN C 155 -4.39 -10.13 3.28
CA GLN C 155 -5.37 -9.04 3.26
C GLN C 155 -6.79 -9.56 3.05
N LEU C 156 -6.97 -10.48 2.10
CA LEU C 156 -8.28 -11.10 1.89
C LEU C 156 -8.79 -11.73 3.18
N ARG C 157 -7.95 -12.51 3.87
CA ARG C 157 -8.39 -13.17 5.09
C ARG C 157 -8.77 -12.17 6.17
N ALA C 158 -7.99 -11.09 6.31
CA ALA C 158 -8.35 -10.05 7.26
C ALA C 158 -9.68 -9.40 6.89
N TYR C 159 -9.91 -9.17 5.60
CA TYR C 159 -11.15 -8.53 5.18
C TYR C 159 -12.34 -9.48 5.39
N LEU C 160 -12.24 -10.71 4.91
CA LEU C 160 -13.35 -11.66 5.03
C LEU C 160 -13.67 -11.95 6.48
N GLU C 161 -12.66 -12.09 7.34
CA GLU C 161 -12.90 -12.36 8.74
C GLU C 161 -13.29 -11.12 9.54
N GLY C 162 -13.01 -9.94 9.01
CA GLY C 162 -13.21 -8.71 9.77
C GLY C 162 -14.21 -7.75 9.15
N GLU C 163 -13.75 -6.95 8.19
CA GLU C 163 -14.60 -5.89 7.64
C GLU C 163 -15.86 -6.46 6.99
N CYS C 164 -15.72 -7.55 6.23
CA CYS C 164 -16.87 -8.13 5.53
C CYS C 164 -17.99 -8.48 6.50
N VAL C 165 -17.66 -9.14 7.61
CA VAL C 165 -18.69 -9.55 8.56
C VAL C 165 -19.31 -8.34 9.25
N GLU C 166 -18.49 -7.37 9.66
CA GLU C 166 -18.98 -6.23 10.42
C GLU C 166 -19.97 -5.40 9.60
N TRP C 167 -19.67 -5.15 8.33
CA TRP C 167 -20.58 -4.35 7.50
C TRP C 167 -21.82 -5.15 7.11
N LEU C 168 -21.69 -6.45 6.89
CA LEU C 168 -22.87 -7.27 6.69
C LEU C 168 -23.79 -7.24 7.91
N ARG C 169 -23.20 -7.23 9.11
CA ARG C 169 -24.01 -7.11 10.32
C ARG C 169 -24.72 -5.77 10.38
N ARG C 170 -24.07 -4.71 9.88
CA ARG C 170 -24.69 -3.39 9.88
C ARG C 170 -25.82 -3.31 8.86
N TYR C 171 -25.61 -3.88 7.67
CA TYR C 171 -26.62 -3.78 6.62
C TYR C 171 -27.92 -4.49 7.02
N LEU C 172 -27.80 -5.64 7.68
CA LEU C 172 -28.99 -6.38 8.07
C LEU C 172 -29.77 -5.67 9.17
N GLU C 173 -29.10 -4.85 9.99
CA GLU C 173 -29.79 -4.11 11.03
C GLU C 173 -30.56 -2.92 10.45
N ASN C 174 -29.93 -2.15 9.56
CA ASN C 174 -30.58 -1.01 8.96
C ASN C 174 -31.64 -1.40 7.94
N GLY C 175 -31.66 -2.65 7.49
CA GLY C 175 -32.66 -3.11 6.56
C GLY C 175 -33.40 -4.34 7.05
N LYS C 176 -33.60 -4.43 8.36
CA LYS C 176 -34.23 -5.60 8.95
C LYS C 176 -35.67 -5.78 8.48
N GLU C 177 -36.32 -4.72 8.02
CA GLU C 177 -37.70 -4.84 7.54
C GLU C 177 -37.78 -5.55 6.20
N THR C 178 -36.75 -5.40 5.36
CA THR C 178 -36.75 -6.01 4.03
C THR C 178 -35.77 -7.15 3.87
N LEU C 179 -34.73 -7.24 4.70
CA LEU C 179 -33.72 -8.26 4.55
C LEU C 179 -33.88 -9.43 5.51
N GLN C 180 -34.60 -9.25 6.62
CA GLN C 180 -34.81 -10.32 7.58
C GLN C 180 -36.27 -10.77 7.65
N ARG C 181 -37.09 -10.36 6.68
CA ARG C 181 -38.45 -10.84 6.54
C ARG C 181 -38.54 -11.75 5.33
N ALA C 182 -39.32 -12.83 5.45
CA ALA C 182 -39.46 -13.82 4.38
C ALA C 182 -40.89 -13.79 3.86
N ASP C 183 -41.03 -13.51 2.57
CA ASP C 183 -42.36 -13.46 1.94
C ASP C 183 -42.71 -14.83 1.37
N PRO C 184 -43.77 -15.48 1.85
CA PRO C 184 -44.12 -16.81 1.34
C PRO C 184 -44.72 -16.73 -0.05
N PRO C 185 -44.66 -17.80 -0.83
CA PRO C 185 -45.21 -17.77 -2.20
C PRO C 185 -46.72 -17.77 -2.20
N LYS C 186 -47.27 -17.43 -3.37
CA LYS C 186 -48.71 -17.44 -3.62
C LYS C 186 -48.98 -18.56 -4.62
N THR C 187 -49.14 -19.77 -4.11
CA THR C 187 -49.16 -20.96 -4.95
C THR C 187 -50.54 -21.21 -5.54
N HIS C 188 -50.54 -21.68 -6.78
CA HIS C 188 -51.77 -22.09 -7.46
C HIS C 188 -51.38 -23.07 -8.56
N VAL C 189 -52.36 -23.83 -9.03
CA VAL C 189 -52.13 -24.86 -10.04
C VAL C 189 -53.10 -24.66 -11.19
N THR C 190 -52.60 -24.82 -12.42
CA THR C 190 -53.39 -24.72 -13.64
C THR C 190 -53.27 -26.02 -14.43
N HIS C 191 -54.15 -26.16 -15.44
CA HIS C 191 -54.24 -27.36 -16.25
C HIS C 191 -54.20 -27.00 -17.72
N HIS C 192 -53.34 -27.68 -18.48
CA HIS C 192 -53.21 -27.47 -19.92
C HIS C 192 -53.40 -28.80 -20.63
N PRO C 193 -54.44 -28.97 -21.46
CA PRO C 193 -54.69 -30.21 -22.19
C PRO C 193 -53.66 -30.46 -23.28
N HIS C 197 -55.79 -37.67 -24.52
CA HIS C 197 -55.61 -38.50 -23.34
C HIS C 197 -54.37 -38.08 -22.56
N GLU C 198 -53.82 -36.93 -22.90
CA GLU C 198 -52.64 -36.40 -22.23
C GLU C 198 -52.86 -34.93 -21.92
N ALA C 199 -52.28 -34.49 -20.80
CA ALA C 199 -52.37 -33.10 -20.36
C ALA C 199 -51.22 -32.84 -19.40
N THR C 200 -51.19 -31.62 -18.86
CA THR C 200 -50.14 -31.20 -17.95
C THR C 200 -50.72 -30.43 -16.78
N LEU C 201 -50.09 -30.58 -15.61
CA LEU C 201 -50.44 -29.85 -14.40
C LEU C 201 -49.26 -28.99 -14.00
N ARG C 202 -49.51 -27.70 -13.74
CA ARG C 202 -48.46 -26.71 -13.54
C ARG C 202 -48.57 -26.12 -12.14
N CYS C 203 -47.63 -26.49 -11.26
CA CYS C 203 -47.59 -25.99 -9.89
C CYS C 203 -46.83 -24.67 -9.87
N TRP C 204 -47.49 -23.60 -9.46
CA TRP C 204 -46.91 -22.26 -9.50
C TRP C 204 -46.47 -21.81 -8.12
N ALA C 205 -45.49 -20.90 -8.11
CA ALA C 205 -45.02 -20.25 -6.89
C ALA C 205 -44.62 -18.83 -7.27
N LEU C 206 -45.36 -17.83 -6.76
CA LEU C 206 -45.21 -16.46 -7.20
C LEU C 206 -44.95 -15.54 -6.02
N GLY C 207 -44.10 -14.53 -6.24
CA GLY C 207 -43.84 -13.49 -5.26
C GLY C 207 -43.34 -14.00 -3.93
N PHE C 208 -42.07 -14.42 -3.87
CA PHE C 208 -41.49 -14.94 -2.65
C PHE C 208 -40.05 -14.48 -2.52
N TYR C 209 -39.58 -14.41 -1.27
CA TYR C 209 -38.24 -14.01 -0.93
C TYR C 209 -37.84 -14.76 0.34
N PRO C 210 -36.60 -15.28 0.43
CA PRO C 210 -35.56 -15.23 -0.60
C PRO C 210 -35.79 -16.21 -1.75
N ALA C 211 -34.77 -16.39 -2.59
CA ALA C 211 -34.92 -17.16 -3.82
C ALA C 211 -34.95 -18.66 -3.58
N GLU C 212 -34.53 -19.13 -2.40
CA GLU C 212 -34.47 -20.56 -2.12
C GLU C 212 -35.88 -21.12 -2.01
N ILE C 213 -36.26 -21.96 -2.97
CA ILE C 213 -37.59 -22.56 -3.02
C ILE C 213 -37.45 -23.96 -3.59
N THR C 214 -38.30 -24.87 -3.13
CA THR C 214 -38.29 -26.26 -3.58
C THR C 214 -39.66 -26.65 -4.10
N LEU C 215 -39.71 -27.08 -5.36
CA LEU C 215 -40.97 -27.53 -5.96
C LEU C 215 -40.81 -28.91 -6.60
N GLN C 224 -41.83 -37.83 -9.05
CA GLN C 224 -41.36 -37.95 -10.43
C GLN C 224 -40.19 -37.03 -10.73
N THR C 225 -39.03 -37.29 -10.13
CA THR C 225 -37.85 -36.45 -10.34
C THR C 225 -37.27 -36.57 -11.74
N GLN C 226 -37.89 -37.37 -12.61
CA GLN C 226 -37.44 -37.56 -13.98
C GLN C 226 -38.33 -36.82 -14.97
N ASP C 227 -39.64 -37.08 -14.97
CA ASP C 227 -40.52 -36.47 -15.96
C ASP C 227 -40.91 -35.04 -15.61
N THR C 228 -40.69 -34.61 -14.37
CA THR C 228 -41.06 -33.26 -14.00
C THR C 228 -40.17 -32.24 -14.70
N GLU C 229 -40.77 -31.15 -15.15
CA GLU C 229 -40.06 -30.05 -15.80
C GLU C 229 -40.09 -28.85 -14.87
N LEU C 230 -38.92 -28.43 -14.42
CA LEU C 230 -38.77 -27.34 -13.47
C LEU C 230 -37.95 -26.23 -14.10
N VAL C 231 -38.51 -25.02 -14.17
CA VAL C 231 -37.78 -23.89 -14.73
C VAL C 231 -36.90 -23.27 -13.65
N GLU C 232 -35.91 -22.50 -14.10
CA GLU C 232 -35.04 -21.78 -13.19
C GLU C 232 -35.81 -20.69 -12.46
N THR C 233 -35.45 -20.45 -11.21
CA THR C 233 -36.06 -19.38 -10.44
C THR C 233 -35.78 -18.03 -11.08
N ARG C 234 -36.83 -17.25 -11.31
CA ARG C 234 -36.76 -15.98 -12.01
C ARG C 234 -37.24 -14.85 -11.12
N PRO C 235 -36.66 -13.66 -11.25
CA PRO C 235 -37.14 -12.51 -10.48
C PRO C 235 -38.32 -11.83 -11.16
N ALA C 236 -39.32 -11.46 -10.36
CA ALA C 236 -40.49 -10.79 -10.91
C ALA C 236 -40.20 -9.35 -11.32
N GLY C 237 -39.03 -8.81 -10.96
CA GLY C 237 -38.69 -7.44 -11.26
C GLY C 237 -38.93 -6.48 -10.11
N ASP C 238 -39.53 -6.94 -9.01
CA ASP C 238 -39.80 -6.13 -7.82
C ASP C 238 -39.25 -6.82 -6.57
N ARG C 239 -38.03 -7.34 -6.68
CA ARG C 239 -37.31 -8.03 -5.61
C ARG C 239 -37.91 -9.39 -5.26
N THR C 240 -39.07 -9.72 -5.83
CA THR C 240 -39.70 -11.01 -5.61
C THR C 240 -39.32 -11.98 -6.72
N PHE C 241 -39.68 -13.25 -6.53
CA PHE C 241 -39.27 -14.31 -7.43
C PHE C 241 -40.47 -15.17 -7.83
N GLN C 242 -40.28 -15.94 -8.90
CA GLN C 242 -41.30 -16.83 -9.45
C GLN C 242 -40.65 -18.15 -9.82
N LYS C 243 -41.48 -19.20 -9.87
CA LYS C 243 -41.04 -20.55 -10.24
C LYS C 243 -42.26 -21.42 -10.44
N TRP C 244 -42.24 -22.24 -11.50
CA TRP C 244 -43.31 -23.19 -11.75
C TRP C 244 -42.73 -24.53 -12.18
N ALA C 245 -43.49 -25.59 -11.93
CA ALA C 245 -43.12 -26.95 -12.30
C ALA C 245 -44.29 -27.64 -12.97
N ALA C 246 -43.98 -28.51 -13.95
CA ALA C 246 -44.99 -29.18 -14.73
C ALA C 246 -44.66 -30.66 -14.89
N VAL C 247 -45.71 -31.47 -14.98
CA VAL C 247 -45.58 -32.90 -15.21
C VAL C 247 -46.62 -33.31 -16.25
N VAL C 248 -46.27 -34.33 -17.05
CA VAL C 248 -47.17 -34.83 -18.08
C VAL C 248 -48.10 -35.90 -17.50
N GLN C 255 -55.64 -36.25 -10.14
CA GLN C 255 -55.71 -36.26 -8.68
C GLN C 255 -54.52 -37.02 -8.08
N ARG C 256 -54.03 -38.02 -8.80
CA ARG C 256 -52.92 -38.85 -8.33
C ARG C 256 -51.58 -38.12 -8.34
N TYR C 257 -51.54 -36.80 -8.50
CA TYR C 257 -50.31 -36.03 -8.52
C TYR C 257 -50.35 -34.95 -7.45
N THR C 258 -49.21 -34.69 -6.82
CA THR C 258 -49.12 -33.74 -5.72
C THR C 258 -47.76 -33.04 -5.78
N CYS C 259 -47.77 -31.72 -5.85
CA CYS C 259 -46.52 -30.94 -5.88
C CYS C 259 -46.17 -30.45 -4.49
N HIS C 260 -44.92 -30.67 -4.09
CA HIS C 260 -44.43 -30.27 -2.78
C HIS C 260 -43.89 -28.86 -2.82
N VAL C 261 -44.23 -28.06 -1.80
CA VAL C 261 -43.80 -26.67 -1.71
C VAL C 261 -43.15 -26.47 -0.35
N GLN C 262 -41.85 -26.18 -0.34
CA GLN C 262 -41.11 -25.92 0.89
C GLN C 262 -40.39 -24.59 0.77
N HIS C 263 -40.61 -23.71 1.75
CA HIS C 263 -40.00 -22.38 1.74
C HIS C 263 -39.76 -21.94 3.17
N GLU C 264 -38.74 -21.09 3.36
CA GLU C 264 -38.41 -20.62 4.70
C GLU C 264 -39.48 -19.67 5.25
N GLY C 265 -40.19 -18.98 4.36
CA GLY C 265 -41.26 -18.09 4.79
C GLY C 265 -42.59 -18.75 5.07
N LEU C 266 -42.70 -20.05 4.80
CA LEU C 266 -43.92 -20.83 5.02
C LEU C 266 -43.92 -21.44 6.41
N PRO C 267 -45.10 -21.48 7.07
CA PRO C 267 -45.17 -22.18 8.36
C PRO C 267 -44.97 -23.68 8.23
N LYS C 268 -45.60 -24.30 7.24
CA LYS C 268 -45.46 -25.73 7.01
C LYS C 268 -45.19 -26.01 5.54
N PRO C 269 -44.49 -27.10 5.22
CA PRO C 269 -44.37 -27.52 3.82
C PRO C 269 -45.74 -27.83 3.22
N LEU C 270 -46.20 -26.97 2.32
CA LEU C 270 -47.56 -27.07 1.79
C LEU C 270 -47.61 -28.04 0.62
N THR C 271 -48.57 -28.96 0.66
CA THR C 271 -48.86 -29.86 -0.43
C THR C 271 -50.16 -29.42 -1.10
N LEU C 272 -50.19 -29.48 -2.43
CA LEU C 272 -51.33 -28.99 -3.19
C LEU C 272 -51.60 -29.90 -4.37
N ARG C 273 -52.89 -30.14 -4.63
CA ARG C 273 -53.35 -30.85 -5.81
C ARG C 273 -54.25 -29.92 -6.63
N TRP C 274 -54.25 -30.13 -7.95
CA TRP C 274 -55.00 -29.26 -8.85
C TRP C 274 -56.50 -29.35 -8.58
N GLU C 275 -57.05 -28.34 -7.92
CA GLU C 275 -58.50 -28.27 -7.75
C GLU C 275 -59.17 -28.06 -9.10
N PRO C 276 -59.99 -29.00 -9.59
CA PRO C 276 -60.60 -28.95 -10.92
C PRO C 276 -61.46 -27.71 -11.13
N MET D 1 -12.60 -21.54 -25.58
CA MET D 1 -13.61 -20.54 -25.24
C MET D 1 -14.94 -21.22 -24.91
N ILE D 2 -15.46 -20.91 -23.73
CA ILE D 2 -16.74 -21.48 -23.28
C ILE D 2 -17.88 -20.66 -23.87
N GLN D 3 -18.84 -21.35 -24.48
CA GLN D 3 -20.03 -20.71 -25.03
C GLN D 3 -21.26 -21.46 -24.52
N ARG D 4 -22.14 -20.74 -23.83
CA ARG D 4 -23.34 -21.32 -23.23
C ARG D 4 -24.58 -20.65 -23.81
N THR D 5 -25.61 -21.46 -24.03
CA THR D 5 -26.85 -20.99 -24.65
C THR D 5 -27.77 -20.40 -23.59
N PRO D 6 -28.37 -19.23 -23.83
CA PRO D 6 -29.20 -18.60 -22.81
C PRO D 6 -30.50 -19.35 -22.59
N LYS D 7 -30.97 -19.32 -21.34
CA LYS D 7 -32.28 -19.85 -20.97
C LYS D 7 -33.25 -18.68 -20.93
N ILE D 8 -34.13 -18.61 -21.92
CA ILE D 8 -35.05 -17.49 -22.08
C ILE D 8 -36.36 -17.82 -21.39
N GLN D 9 -36.89 -16.86 -20.63
CA GLN D 9 -38.20 -16.98 -20.01
C GLN D 9 -38.95 -15.68 -20.18
N VAL D 10 -40.19 -15.76 -20.64
CA VAL D 10 -41.07 -14.61 -20.80
C VAL D 10 -42.26 -14.79 -19.87
N TYR D 11 -42.61 -13.71 -19.17
CA TYR D 11 -43.64 -13.76 -18.14
C TYR D 11 -43.99 -12.33 -17.77
N SER D 12 -44.70 -12.17 -16.64
CA SER D 12 -45.13 -10.87 -16.17
C SER D 12 -44.96 -10.80 -14.66
N ARG D 13 -44.75 -9.59 -14.16
CA ARG D 13 -44.58 -9.39 -12.73
C ARG D 13 -45.87 -9.71 -11.97
N HIS D 14 -46.99 -9.19 -12.44
CA HIS D 14 -48.29 -9.41 -11.84
C HIS D 14 -49.00 -10.57 -12.50
N PRO D 15 -50.00 -11.16 -11.83
CA PRO D 15 -50.80 -12.23 -12.46
C PRO D 15 -51.64 -11.71 -13.63
N ALA D 16 -52.47 -12.59 -14.18
CA ALA D 16 -53.31 -12.25 -15.33
C ALA D 16 -54.41 -11.28 -14.91
N GLU D 17 -54.37 -10.06 -15.46
CA GLU D 17 -55.43 -9.08 -15.21
C GLU D 17 -55.47 -8.01 -16.30
N ASN D 18 -56.17 -8.25 -17.41
CA ASN D 18 -56.21 -7.26 -18.49
C ASN D 18 -56.93 -6.00 -18.03
N GLY D 19 -56.35 -4.84 -18.32
CA GLY D 19 -56.91 -3.57 -17.93
C GLY D 19 -56.17 -2.86 -16.80
N LYS D 20 -55.13 -3.47 -16.24
CA LYS D 20 -54.33 -2.88 -15.18
C LYS D 20 -52.88 -2.81 -15.62
N SER D 21 -52.11 -1.95 -14.95
CA SER D 21 -50.70 -1.83 -15.25
C SER D 21 -49.95 -3.08 -14.82
N ASN D 22 -49.01 -3.51 -15.66
CA ASN D 22 -48.22 -4.71 -15.40
C ASN D 22 -46.82 -4.50 -15.95
N PHE D 23 -45.91 -5.39 -15.55
CA PHE D 23 -44.52 -5.34 -15.99
C PHE D 23 -44.21 -6.61 -16.76
N LEU D 24 -43.82 -6.45 -18.03
CA LEU D 24 -43.45 -7.57 -18.88
C LEU D 24 -41.96 -7.83 -18.75
N ASN D 25 -41.60 -9.07 -18.46
CA ASN D 25 -40.22 -9.45 -18.22
C ASN D 25 -39.73 -10.42 -19.29
N CYS D 26 -38.43 -10.39 -19.55
CA CYS D 26 -37.75 -11.37 -20.41
C CYS D 26 -36.41 -11.68 -19.73
N TYR D 27 -36.41 -12.72 -18.89
CA TYR D 27 -35.26 -13.06 -18.06
C TYR D 27 -34.40 -14.10 -18.77
N VAL D 28 -33.19 -13.71 -19.14
CA VAL D 28 -32.23 -14.61 -19.77
C VAL D 28 -31.16 -14.96 -18.74
N SER D 29 -30.64 -16.17 -18.84
CA SER D 29 -29.68 -16.66 -17.84
C SER D 29 -28.88 -17.79 -18.46
N GLY D 30 -27.87 -18.25 -17.70
CA GLY D 30 -27.06 -19.37 -18.11
C GLY D 30 -26.26 -19.19 -19.38
N PHE D 31 -26.11 -17.97 -19.88
CA PHE D 31 -25.42 -17.76 -21.14
C PHE D 31 -23.98 -17.31 -20.92
N HIS D 32 -23.19 -17.45 -21.99
CA HIS D 32 -21.79 -17.01 -22.01
C HIS D 32 -21.30 -17.02 -23.46
N PRO D 33 -20.61 -15.97 -23.91
CA PRO D 33 -20.19 -14.77 -23.16
C PRO D 33 -21.32 -13.79 -22.87
N SER D 34 -20.96 -12.63 -22.32
CA SER D 34 -21.97 -11.67 -21.86
C SER D 34 -22.69 -10.99 -23.02
N ASP D 35 -21.99 -10.76 -24.13
CA ASP D 35 -22.56 -10.07 -25.28
C ASP D 35 -23.84 -10.75 -25.75
N ILE D 36 -24.97 -10.06 -25.60
CA ILE D 36 -26.27 -10.63 -25.94
C ILE D 36 -27.18 -9.50 -26.40
N GLU D 37 -28.13 -9.83 -27.28
CA GLU D 37 -29.09 -8.88 -27.80
C GLU D 37 -30.48 -9.37 -27.46
N VAL D 38 -31.23 -8.57 -26.69
CA VAL D 38 -32.56 -8.93 -26.23
C VAL D 38 -33.51 -7.79 -26.58
N ASP D 39 -34.56 -8.11 -27.32
CA ASP D 39 -35.59 -7.15 -27.71
C ASP D 39 -36.95 -7.66 -27.28
N LEU D 40 -37.83 -6.73 -26.88
CA LEU D 40 -39.21 -7.05 -26.51
C LEU D 40 -40.14 -6.53 -27.60
N LEU D 41 -41.10 -7.36 -28.00
CA LEU D 41 -41.97 -7.08 -29.13
C LEU D 41 -43.42 -6.96 -28.68
N LYS D 42 -44.15 -6.07 -29.35
CA LYS D 42 -45.60 -5.91 -29.17
C LYS D 42 -46.25 -6.13 -30.52
N ASN D 43 -46.95 -7.25 -30.67
CA ASN D 43 -47.60 -7.62 -31.93
C ASN D 43 -46.59 -7.65 -33.06
N GLY D 44 -45.38 -8.15 -32.75
CA GLY D 44 -44.30 -8.20 -33.70
C GLY D 44 -43.54 -6.90 -33.88
N GLU D 45 -43.94 -5.83 -33.20
CA GLU D 45 -43.28 -4.54 -33.28
C GLU D 45 -42.43 -4.31 -32.04
N ARG D 46 -41.22 -3.78 -32.24
CA ARG D 46 -40.27 -3.61 -31.16
C ARG D 46 -40.75 -2.57 -30.15
N ILE D 47 -40.63 -2.90 -28.86
CA ILE D 47 -40.93 -1.95 -27.79
C ILE D 47 -39.74 -1.00 -27.64
N GLU D 48 -40.02 0.30 -27.61
CA GLU D 48 -38.98 1.32 -27.67
C GLU D 48 -38.17 1.38 -26.38
N LYS D 49 -38.80 1.79 -25.28
CA LYS D 49 -38.11 1.95 -24.01
C LYS D 49 -38.11 0.60 -23.29
N VAL D 50 -36.96 -0.07 -23.29
CA VAL D 50 -36.80 -1.36 -22.63
C VAL D 50 -35.69 -1.23 -21.59
N GLU D 51 -36.04 -1.51 -20.34
CA GLU D 51 -35.06 -1.49 -19.27
C GLU D 51 -34.37 -2.84 -19.15
N HIS D 52 -33.21 -2.84 -18.50
CA HIS D 52 -32.48 -4.08 -18.26
C HIS D 52 -31.66 -3.94 -16.99
N SER D 53 -31.57 -5.02 -16.24
CA SER D 53 -30.83 -5.02 -14.98
C SER D 53 -29.32 -4.98 -15.24
N ASP D 54 -28.57 -4.92 -14.15
CA ASP D 54 -27.11 -4.87 -14.23
C ASP D 54 -26.53 -6.27 -14.34
N LEU D 55 -25.60 -6.43 -15.27
CA LEU D 55 -25.03 -7.75 -15.58
C LEU D 55 -24.45 -8.40 -14.34
N SER D 56 -24.79 -9.68 -14.15
CA SER D 56 -24.27 -10.45 -13.04
C SER D 56 -24.33 -11.92 -13.42
N PHE D 57 -23.57 -12.74 -12.68
CA PHE D 57 -23.43 -14.15 -13.00
C PHE D 57 -23.76 -14.98 -11.77
N SER D 58 -23.97 -16.28 -12.01
CA SER D 58 -24.31 -17.23 -10.98
C SER D 58 -23.06 -18.03 -10.58
N LYS D 59 -23.27 -19.16 -9.88
CA LYS D 59 -22.15 -19.91 -9.34
C LYS D 59 -21.24 -20.43 -10.44
N ASP D 60 -21.81 -21.04 -11.47
CA ASP D 60 -21.05 -21.61 -12.59
C ASP D 60 -20.51 -20.54 -13.55
N TRP D 61 -20.45 -19.28 -13.13
CA TRP D 61 -19.92 -18.12 -13.85
C TRP D 61 -20.78 -17.70 -15.04
N SER D 62 -21.88 -18.39 -15.30
CA SER D 62 -22.76 -18.00 -16.40
C SER D 62 -23.57 -16.77 -16.02
N PHE D 63 -23.70 -15.85 -16.97
CA PHE D 63 -24.37 -14.58 -16.72
C PHE D 63 -25.88 -14.75 -16.66
N TYR D 64 -26.55 -13.68 -16.27
CA TYR D 64 -28.01 -13.61 -16.30
C TYR D 64 -28.42 -12.15 -16.30
N LEU D 65 -29.40 -11.82 -17.13
CA LEU D 65 -29.93 -10.47 -17.23
C LEU D 65 -31.45 -10.53 -17.17
N LEU D 66 -32.05 -9.38 -16.87
CA LEU D 66 -33.50 -9.25 -16.82
C LEU D 66 -33.89 -7.99 -17.59
N TYR D 67 -34.58 -8.17 -18.71
CA TYR D 67 -35.14 -7.06 -19.47
C TYR D 67 -36.62 -6.94 -19.12
N TYR D 68 -37.06 -5.73 -18.80
CA TYR D 68 -38.41 -5.51 -18.33
C TYR D 68 -38.95 -4.19 -18.86
N THR D 69 -40.26 -4.15 -19.09
CA THR D 69 -40.95 -2.96 -19.58
C THR D 69 -42.37 -2.97 -19.04
N GLU D 70 -42.82 -1.81 -18.55
CA GLU D 70 -44.20 -1.69 -18.09
C GLU D 70 -45.15 -1.69 -19.28
N PHE D 71 -46.25 -2.43 -19.14
CA PHE D 71 -47.24 -2.53 -20.20
C PHE D 71 -48.61 -2.78 -19.59
N THR D 72 -49.63 -2.70 -20.43
CA THR D 72 -51.00 -3.04 -20.05
C THR D 72 -51.45 -4.23 -20.88
N PRO D 73 -51.72 -5.38 -20.27
CA PRO D 73 -52.02 -6.58 -21.05
C PRO D 73 -53.37 -6.47 -21.76
N THR D 74 -53.46 -7.18 -22.89
CA THR D 74 -54.66 -7.20 -23.71
C THR D 74 -54.87 -8.60 -24.27
N GLU D 75 -56.12 -9.03 -24.35
CA GLU D 75 -56.42 -10.31 -25.00
C GLU D 75 -56.11 -10.28 -26.48
N LYS D 76 -56.05 -9.09 -27.08
CA LYS D 76 -55.74 -8.88 -28.48
C LYS D 76 -54.23 -8.79 -28.75
N ASP D 77 -53.50 -8.03 -27.93
CA ASP D 77 -52.08 -7.81 -28.15
C ASP D 77 -51.28 -9.06 -27.79
N GLU D 78 -50.39 -9.47 -28.70
CA GLU D 78 -49.54 -10.63 -28.51
C GLU D 78 -48.09 -10.16 -28.42
N TYR D 79 -47.48 -10.31 -27.24
CA TYR D 79 -46.13 -9.85 -26.99
C TYR D 79 -45.14 -10.99 -27.12
N ALA D 80 -43.89 -10.65 -27.45
CA ALA D 80 -42.83 -11.63 -27.60
C ALA D 80 -41.50 -10.99 -27.24
N CYS D 81 -40.46 -11.82 -27.16
CA CYS D 81 -39.11 -11.38 -26.80
C CYS D 81 -38.11 -12.09 -27.71
N ARG D 82 -37.29 -11.30 -28.41
CA ARG D 82 -36.28 -11.87 -29.31
C ARG D 82 -34.90 -11.78 -28.67
N VAL D 83 -34.18 -12.90 -28.66
CA VAL D 83 -32.86 -12.99 -28.05
C VAL D 83 -31.91 -13.56 -29.08
N ASN D 84 -30.86 -12.81 -29.41
CA ASN D 84 -29.83 -13.25 -30.34
C ASN D 84 -28.51 -13.38 -29.60
N HIS D 85 -27.84 -14.52 -29.80
CA HIS D 85 -26.59 -14.81 -29.12
C HIS D 85 -25.67 -15.51 -30.11
N VAL D 86 -24.38 -15.56 -29.76
CA VAL D 86 -23.42 -16.23 -30.63
C VAL D 86 -23.67 -17.73 -30.68
N THR D 87 -24.28 -18.28 -29.62
CA THR D 87 -24.59 -19.71 -29.60
C THR D 87 -25.78 -20.08 -30.48
N LEU D 88 -26.55 -19.09 -30.95
CA LEU D 88 -27.75 -19.34 -31.74
C LEU D 88 -27.43 -19.17 -33.21
N SER D 89 -27.69 -20.21 -33.99
CA SER D 89 -27.55 -20.13 -35.44
C SER D 89 -28.60 -19.21 -36.04
N GLN D 90 -29.73 -19.04 -35.37
CA GLN D 90 -30.78 -18.13 -35.78
C GLN D 90 -31.38 -17.51 -34.52
N PRO D 91 -31.84 -16.25 -34.60
CA PRO D 91 -32.45 -15.63 -33.42
C PRO D 91 -33.67 -16.40 -32.95
N LYS D 92 -33.79 -16.53 -31.63
CA LYS D 92 -34.86 -17.30 -31.00
C LYS D 92 -35.88 -16.33 -30.39
N ILE D 93 -37.13 -16.43 -30.85
CA ILE D 93 -38.23 -15.62 -30.32
C ILE D 93 -39.08 -16.49 -29.41
N VAL D 94 -39.36 -15.99 -28.22
CA VAL D 94 -40.17 -16.71 -27.23
C VAL D 94 -41.39 -15.85 -26.92
N LYS D 95 -42.56 -16.32 -27.34
CA LYS D 95 -43.80 -15.58 -27.12
C LYS D 95 -44.32 -15.82 -25.70
N TRP D 96 -45.02 -14.81 -25.18
CA TRP D 96 -45.49 -14.82 -23.81
C TRP D 96 -46.98 -15.16 -23.77
N ASP D 97 -47.33 -16.27 -23.12
CA ASP D 97 -48.70 -16.57 -22.77
C ASP D 97 -48.87 -16.49 -21.27
N ARG D 98 -50.11 -16.24 -20.83
CA ARG D 98 -50.37 -15.88 -19.44
C ARG D 98 -49.96 -16.99 -18.47
N ASP D 99 -50.12 -18.25 -18.87
CA ASP D 99 -49.90 -19.39 -17.98
C ASP D 99 -48.55 -20.07 -18.20
N MET D 100 -47.50 -19.30 -18.48
CA MET D 100 -46.16 -19.85 -18.60
C MET D 100 -45.11 -18.79 -18.27
N THR E 1 -19.30 -3.00 2.86
CA THR E 1 -18.38 -2.21 2.05
C THR E 1 -17.43 -3.13 1.28
N ARG E 2 -16.89 -2.59 0.19
CA ARG E 2 -16.07 -3.37 -0.72
C ARG E 2 -14.67 -3.61 -0.15
N LEU E 3 -14.01 -4.62 -0.72
CA LEU E 3 -12.63 -4.92 -0.39
C LEU E 3 -11.69 -3.94 -1.09
N ALA E 4 -10.69 -3.47 -0.35
CA ALA E 4 -9.64 -2.62 -0.91
C ALA E 4 -8.44 -3.52 -1.20
N LEU E 5 -8.22 -3.84 -2.47
CA LEU E 5 -7.16 -4.75 -2.86
C LEU E 5 -6.75 -4.47 -4.29
N ILE E 6 -5.44 -4.31 -4.51
CA ILE E 6 -4.85 -4.20 -5.82
C ILE E 6 -3.91 -5.39 -5.97
N ALA E 7 -4.28 -6.34 -6.83
CA ALA E 7 -3.52 -7.58 -6.99
C ALA E 7 -3.56 -8.01 -8.45
N PRO E 8 -2.65 -7.50 -9.27
CA PRO E 8 -2.63 -7.91 -10.67
C PRO E 8 -2.31 -9.39 -10.80
N LYS E 9 -2.82 -9.99 -11.88
CA LYS E 9 -2.64 -11.42 -12.11
C LYS E 9 -1.36 -11.66 -12.89
C1 NAG F . -0.55 6.64 21.53
C2 NAG F . -0.34 7.41 22.84
C3 NAG F . -0.86 6.59 24.02
C4 NAG F . -2.31 6.18 23.79
C5 NAG F . -2.43 5.44 22.46
C6 NAG F . -3.86 5.08 22.11
C7 NAG F . 1.55 8.97 22.90
C8 NAG F . 3.03 9.10 23.12
N2 NAG F . 1.06 7.73 23.02
O3 NAG F . -0.76 7.36 25.21
O4 NAG F . -2.74 5.32 24.84
O5 NAG F . -1.95 6.28 21.39
O6 NAG F . -3.92 4.18 21.01
O7 NAG F . 0.84 9.93 22.62
C1 NAG G . 20.95 18.69 26.66
C2 NAG G . 19.50 19.10 26.91
C3 NAG G . 18.93 19.78 25.66
C4 NAG G . 19.84 20.93 25.22
C5 NAG G . 21.28 20.45 25.07
C6 NAG G . 22.24 21.59 24.78
C7 NAG G . 18.37 17.65 28.54
C8 NAG G . 17.53 16.42 28.73
N2 NAG G . 18.70 17.94 27.27
O3 NAG G . 17.63 20.28 25.96
O4 NAG G . 19.38 21.45 23.98
O5 NAG G . 21.73 19.84 26.28
O6 NAG G . 23.40 21.13 24.09
O7 NAG G . 18.75 18.34 29.49
C1 NAG H . 0.57 -6.29 20.16
C2 NAG H . 0.31 -7.68 20.75
C3 NAG H . -1.18 -7.86 21.05
C4 NAG H . -1.68 -6.73 21.95
C5 NAG H . -1.37 -5.39 21.30
C6 NAG H . -1.76 -4.21 22.16
C7 NAG H . 1.78 -9.54 20.12
C8 NAG H . 2.11 -10.56 19.06
N2 NAG H . 0.76 -8.73 19.84
O3 NAG H . -1.38 -9.12 21.71
O4 NAG H . -3.08 -6.85 22.14
O5 NAG H . 0.04 -5.28 21.06
O6 NAG H . -1.11 -4.25 23.42
O7 NAG H . 2.42 -9.46 21.16
C1 NAG I . 33.96 28.66 32.18
C2 NAG I . 33.14 29.68 32.97
C3 NAG I . 33.36 31.08 32.41
C4 NAG I . 34.84 31.42 32.37
C5 NAG I . 35.59 30.35 31.58
C6 NAG I . 37.09 30.55 31.59
C7 NAG I . 31.13 28.66 33.96
C8 NAG I . 29.67 28.39 33.78
N2 NAG I . 31.72 29.34 32.96
O3 NAG I . 32.67 32.02 33.24
O4 NAG I . 35.03 32.67 31.74
O5 NAG I . 35.35 29.05 32.16
O6 NAG I . 37.68 30.19 30.35
O7 NAG I . 31.74 28.30 34.95
N ASP J . 55.44 2.87 24.36
CA ASP J . 55.35 1.44 24.10
C ASP J . 54.95 0.67 25.35
O ASP J . 54.52 -0.48 25.26
CB ASP J . 56.70 0.92 23.57
CG ASP J . 56.53 0.00 22.37
OD1 ASP J . 57.46 -0.07 21.54
OD2 ASP J . 55.47 -0.64 22.25
OXT ASP J . 55.04 1.17 26.47
C1 NAG K . 16.71 14.05 -19.13
C2 NAG K . 15.82 13.45 -20.23
C3 NAG K . 16.67 12.67 -21.23
C4 NAG K . 17.82 13.54 -21.75
C5 NAG K . 18.61 14.10 -20.58
C6 NAG K . 19.70 15.05 -21.02
C7 NAG K . 13.59 13.05 -19.28
C8 NAG K . 12.66 12.02 -18.71
N2 NAG K . 14.80 12.60 -19.66
O3 NAG K . 15.85 12.25 -22.31
O4 NAG K . 18.68 12.76 -22.57
O5 NAG K . 17.74 14.84 -19.72
O6 NAG K . 20.91 14.81 -20.29
O7 NAG K . 13.28 14.23 -19.38
S SO4 L . 24.10 24.63 2.81
O1 SO4 L . 23.61 23.60 3.71
O2 SO4 L . 25.51 24.37 2.50
O3 SO4 L . 23.98 25.94 3.46
O4 SO4 L . 23.32 24.62 1.57
S SO4 M . 35.58 -3.82 11.89
O1 SO4 M . 36.62 -2.90 12.33
O2 SO4 M . 36.05 -5.19 12.07
O3 SO4 M . 34.38 -3.61 12.68
O4 SO4 M . 35.29 -3.58 10.48
C1 EDO N . -8.53 -9.84 -7.55
O1 EDO N . -9.48 -10.17 -8.56
C2 EDO N . -9.08 -8.77 -6.61
O2 EDO N . -10.38 -9.15 -6.13
S SO4 O . 4.84 -4.16 -21.73
O1 SO4 O . 5.24 -5.34 -20.97
O2 SO4 O . 5.98 -3.24 -21.82
O3 SO4 O . 3.73 -3.49 -21.05
O4 SO4 O . 4.42 -4.56 -23.07
#